data_6PQB
#
_entry.id   6PQB
#
_cell.length_a   163.540
_cell.length_b   163.540
_cell.length_c   122.550
_cell.angle_alpha   90.000
_cell.angle_beta   90.000
_cell.angle_gamma   120.000
#
_symmetry.space_group_name_H-M   'P 61'
#
loop_
_entity.id
_entity.type
_entity.pdbx_description
1 polymer '16S rRNA (guanine(1405)-N(7))-methyltransferase'
2 non-polymer S-ADENOSYL-L-HOMOCYSTEINE
3 water water
#
_entity_poly.entity_id   1
_entity_poly.type   'polypeptide(L)'
_entity_poly.pdbx_seq_one_letter_code
;GSMKTNDNYIEEVTAKVLTSGKYSTLYPPTVRRVTERLFDRYPPKQLEKEVRKKLHQAYGAYIGGIDGKRLEKKIEKIIH
EIPNPTTDEATRTEWEKEICLKILNLHTSTNERTVAYDELYQKIFEVTGVPTSITDAGCALNPFSFPFFTEAGMLGQYIG
FDLDKGMIEAIEHSLRTLNAPEGIVVKQGDILSDPSGESDLLLMFKLYTLLDRQEEASGLKILQEWKYKNAVISFPIKTI
SGRDVGMEENYTVKFENDLVGSDLRIMQKLKLGNEMYFIVSRL
;
_entity_poly.pdbx_strand_id   A,B,C,D
#
# COMPACT_ATOMS: atom_id res chain seq x y z
N THR A 5 3.67 -25.37 38.31
CA THR A 5 4.57 -25.12 37.19
C THR A 5 3.88 -24.26 36.13
N ASN A 6 4.56 -24.07 34.99
CA ASN A 6 3.98 -23.28 33.91
C ASN A 6 2.77 -23.98 33.28
N ASP A 7 2.87 -25.29 33.06
CA ASP A 7 1.79 -26.04 32.43
C ASP A 7 0.66 -26.38 33.39
N ASN A 8 0.75 -25.98 34.66
CA ASN A 8 -0.27 -26.33 35.64
C ASN A 8 -1.37 -25.28 35.74
N TYR A 9 -1.07 -24.01 35.47
CA TYR A 9 -2.12 -23.00 35.42
C TYR A 9 -3.11 -23.31 34.29
N ILE A 10 -2.60 -23.79 33.15
CA ILE A 10 -3.47 -24.10 32.03
C ILE A 10 -4.41 -25.25 32.37
N GLU A 11 -3.84 -26.35 32.88
CA GLU A 11 -4.68 -27.51 33.22
C GLU A 11 -5.63 -27.20 34.37
N GLU A 12 -5.25 -26.29 35.26
CA GLU A 12 -6.14 -25.92 36.36
C GLU A 12 -7.26 -24.99 35.88
N VAL A 13 -6.91 -23.98 35.08
CA VAL A 13 -7.93 -23.08 34.56
C VAL A 13 -8.85 -23.80 33.59
N THR A 14 -8.28 -24.63 32.72
CA THR A 14 -9.09 -25.40 31.77
C THR A 14 -10.10 -26.27 32.51
N ALA A 15 -9.66 -26.90 33.60
CA ALA A 15 -10.58 -27.71 34.39
C ALA A 15 -11.57 -26.85 35.18
N LYS A 16 -11.17 -25.63 35.56
CA LYS A 16 -12.04 -24.80 36.37
C LYS A 16 -13.23 -24.26 35.57
N VAL A 17 -13.07 -24.09 34.25
CA VAL A 17 -14.15 -23.59 33.43
C VAL A 17 -14.91 -24.77 32.82
N LEU A 18 -14.21 -25.87 32.57
CA LEU A 18 -14.88 -27.09 32.14
C LEU A 18 -15.74 -27.68 33.24
N THR A 19 -15.39 -27.42 34.51
CA THR A 19 -16.22 -27.89 35.62
C THR A 19 -17.51 -27.10 35.72
N SER A 20 -17.44 -25.78 35.54
CA SER A 20 -18.63 -24.94 35.64
C SER A 20 -19.65 -25.35 34.57
N GLY A 21 -20.90 -25.50 35.01
CA GLY A 21 -21.97 -25.88 34.10
C GLY A 21 -22.25 -24.89 33.00
N LYS A 22 -21.67 -23.69 33.07
CA LYS A 22 -21.85 -22.71 32.01
C LYS A 22 -21.08 -23.11 30.76
N TYR A 23 -19.89 -23.68 30.93
CA TYR A 23 -19.03 -24.07 29.81
C TYR A 23 -18.58 -25.52 30.00
N SER A 24 -19.52 -26.45 29.85
CA SER A 24 -19.24 -27.88 29.95
C SER A 24 -19.64 -28.67 28.72
N THR A 25 -20.42 -28.09 27.81
CA THR A 25 -20.90 -28.79 26.63
C THR A 25 -20.08 -28.44 25.39
N LEU A 26 -18.78 -28.19 25.55
CA LEU A 26 -17.92 -27.88 24.42
C LEU A 26 -16.63 -28.70 24.52
N TYR A 27 -15.95 -28.77 23.38
CA TYR A 27 -14.77 -29.61 23.23
C TYR A 27 -13.64 -29.13 24.15
N PRO A 28 -13.18 -29.94 25.09
CA PRO A 28 -12.16 -29.48 26.05
C PRO A 28 -10.90 -28.95 25.38
N PRO A 29 -10.42 -29.57 24.28
CA PRO A 29 -9.24 -28.99 23.61
C PRO A 29 -9.42 -27.55 23.14
N THR A 30 -10.65 -27.10 22.87
CA THR A 30 -10.83 -25.69 22.53
C THR A 30 -10.52 -24.81 23.72
N VAL A 31 -11.05 -25.15 24.90
CA VAL A 31 -10.70 -24.45 26.12
C VAL A 31 -9.20 -24.57 26.38
N ARG A 32 -8.65 -25.78 26.19
CA ARG A 32 -7.21 -25.97 26.29
C ARG A 32 -6.46 -25.12 25.28
N ARG A 33 -7.09 -24.82 24.14
CA ARG A 33 -6.44 -23.98 23.13
C ARG A 33 -6.45 -22.51 23.53
N VAL A 34 -7.62 -21.97 23.89
CA VAL A 34 -7.71 -20.54 24.17
C VAL A 34 -6.99 -20.19 25.47
N THR A 35 -6.90 -21.14 26.41
CA THR A 35 -6.16 -20.88 27.64
C THR A 35 -4.66 -20.85 27.38
N GLU A 36 -4.16 -21.77 26.56
CA GLU A 36 -2.75 -21.78 26.20
C GLU A 36 -2.39 -20.59 25.32
N ARG A 37 -3.35 -20.12 24.51
CA ARG A 37 -3.09 -18.98 23.63
C ARG A 37 -3.12 -17.67 24.41
N LEU A 38 -4.09 -17.50 25.29
CA LEU A 38 -4.20 -16.30 26.12
C LEU A 38 -3.27 -16.32 27.32
N PHE A 39 -2.29 -17.23 27.35
CA PHE A 39 -1.41 -17.34 28.50
C PHE A 39 -0.26 -16.35 28.42
N ASP A 40 0.35 -16.20 27.25
CA ASP A 40 1.47 -15.27 27.10
C ASP A 40 1.02 -13.83 27.18
N ARG A 41 -0.21 -13.54 26.74
CA ARG A 41 -0.72 -12.18 26.71
C ARG A 41 -1.04 -11.65 28.10
N TYR A 42 -2.09 -12.19 28.71
CA TYR A 42 -2.54 -11.72 30.01
C TYR A 42 -1.72 -12.34 31.14
N PRO A 43 -1.69 -11.71 32.31
CA PRO A 43 -0.93 -12.26 33.45
C PRO A 43 -1.52 -13.58 33.90
N PRO A 44 -0.83 -14.29 34.82
CA PRO A 44 -1.41 -15.54 35.33
C PRO A 44 -2.80 -15.39 35.92
N LYS A 45 -3.04 -14.34 36.71
CA LYS A 45 -4.38 -14.07 37.20
C LYS A 45 -5.26 -13.57 36.05
N GLN A 46 -6.57 -13.49 36.32
CA GLN A 46 -7.60 -13.08 35.39
C GLN A 46 -7.77 -14.05 34.22
N LEU A 47 -7.04 -15.17 34.20
CA LEU A 47 -7.11 -16.09 33.07
C LEU A 47 -8.51 -16.64 32.87
N GLU A 48 -9.14 -17.11 33.95
CA GLU A 48 -10.51 -17.61 33.85
C GLU A 48 -11.46 -16.53 33.35
N LYS A 49 -11.30 -15.30 33.85
CA LYS A 49 -12.12 -14.20 33.37
C LYS A 49 -11.77 -13.84 31.92
N GLU A 50 -10.54 -14.13 31.50
CA GLU A 50 -10.16 -13.85 30.12
C GLU A 50 -10.55 -14.98 29.18
N VAL A 51 -10.52 -16.23 29.65
CA VAL A 51 -10.93 -17.33 28.77
C VAL A 51 -12.45 -17.41 28.69
N ARG A 52 -13.16 -17.17 29.80
CA ARG A 52 -14.61 -17.16 29.75
C ARG A 52 -15.15 -16.01 28.91
N LYS A 53 -14.38 -14.93 28.77
CA LYS A 53 -14.77 -13.88 27.84
C LYS A 53 -14.48 -14.28 26.40
N LYS A 54 -13.28 -14.81 26.15
CA LYS A 54 -12.93 -15.29 24.81
C LYS A 54 -13.90 -16.38 24.36
N LEU A 55 -14.23 -17.31 25.26
CA LEU A 55 -15.23 -18.32 24.94
C LEU A 55 -16.59 -17.68 24.67
N HIS A 56 -16.94 -16.64 25.44
CA HIS A 56 -18.19 -15.94 25.21
C HIS A 56 -18.15 -15.16 23.90
N GLN A 57 -17.00 -14.57 23.58
CA GLN A 57 -16.86 -13.83 22.33
C GLN A 57 -16.94 -14.76 21.12
N ALA A 58 -16.22 -15.89 21.17
CA ALA A 58 -16.06 -16.77 20.03
C ALA A 58 -17.02 -17.95 20.03
N TYR A 59 -17.05 -18.72 21.11
CA TYR A 59 -17.83 -19.96 21.16
C TYR A 59 -19.06 -19.85 22.07
N GLY A 60 -19.44 -18.64 22.47
CA GLY A 60 -20.53 -18.47 23.41
C GLY A 60 -21.90 -18.85 22.86
N ALA A 61 -22.03 -18.93 21.54
CA ALA A 61 -23.32 -19.23 20.91
C ALA A 61 -23.55 -20.72 20.68
N TYR A 62 -22.61 -21.57 21.06
CA TYR A 62 -22.72 -23.01 20.85
C TYR A 62 -22.39 -23.72 22.17
N ILE A 63 -23.29 -23.58 23.15
CA ILE A 63 -23.09 -24.19 24.45
C ILE A 63 -24.37 -24.92 24.89
N ASP A 67 -29.21 -27.04 24.19
CA ASP A 67 -28.88 -28.44 24.46
C ASP A 67 -29.64 -29.37 23.53
N GLY A 68 -29.05 -30.53 23.23
CA GLY A 68 -29.65 -31.50 22.34
C GLY A 68 -30.95 -32.12 22.83
N LYS A 69 -31.39 -31.79 24.04
CA LYS A 69 -32.65 -32.34 24.54
C LYS A 69 -33.82 -31.87 23.67
N ARG A 70 -33.95 -30.56 23.49
CA ARG A 70 -35.02 -30.02 22.66
C ARG A 70 -34.89 -30.47 21.21
N LEU A 71 -33.66 -30.57 20.71
CA LEU A 71 -33.44 -30.96 19.32
C LEU A 71 -33.82 -32.41 19.08
N GLU A 72 -33.42 -33.30 19.98
CA GLU A 72 -33.72 -34.73 19.80
C GLU A 72 -35.22 -34.97 19.81
N LYS A 73 -35.95 -34.32 20.72
CA LYS A 73 -37.40 -34.47 20.73
C LYS A 73 -38.04 -33.84 19.50
N LYS A 74 -37.45 -32.77 18.97
CA LYS A 74 -37.95 -32.22 17.71
C LYS A 74 -37.80 -33.22 16.57
N ILE A 75 -36.69 -33.97 16.55
CA ILE A 75 -36.48 -34.95 15.50
C ILE A 75 -37.34 -36.19 15.72
N GLU A 76 -37.58 -36.56 16.98
CA GLU A 76 -38.46 -37.69 17.27
C GLU A 76 -39.85 -37.48 16.71
N LYS A 77 -40.33 -36.22 16.70
CA LYS A 77 -41.64 -35.94 16.12
C LYS A 77 -41.65 -36.21 14.62
N ILE A 78 -40.60 -35.77 13.91
CA ILE A 78 -40.60 -35.84 12.45
C ILE A 78 -40.63 -37.28 11.98
N ILE A 79 -39.90 -38.16 12.65
CA ILE A 79 -39.84 -39.57 12.24
C ILE A 79 -41.05 -40.36 12.72
N HIS A 80 -41.93 -39.75 13.52
CA HIS A 80 -43.18 -40.39 13.92
C HIS A 80 -44.37 -39.89 13.11
N GLU A 81 -44.34 -38.64 12.66
CA GLU A 81 -45.43 -38.02 11.90
C GLU A 81 -45.56 -38.55 10.48
N ILE A 82 -44.91 -39.63 10.06
CA ILE A 82 -44.96 -40.06 8.67
C ILE A 82 -45.37 -41.54 8.62
N PRO A 83 -46.18 -41.94 7.63
CA PRO A 83 -46.48 -43.36 7.42
C PRO A 83 -45.30 -44.13 6.81
N THR A 91 -39.28 -45.76 -4.48
CA THR A 91 -40.18 -44.77 -3.93
C THR A 91 -39.88 -44.50 -2.46
N ARG A 92 -39.57 -45.56 -1.71
CA ARG A 92 -39.21 -45.39 -0.31
C ARG A 92 -37.93 -44.59 -0.16
N THR A 93 -37.04 -44.65 -1.16
CA THR A 93 -35.87 -43.79 -1.16
C THR A 93 -36.27 -42.31 -1.18
N GLU A 94 -37.35 -41.99 -1.89
CA GLU A 94 -37.88 -40.63 -1.86
C GLU A 94 -38.55 -40.32 -0.53
N TRP A 95 -39.16 -41.32 0.10
CA TRP A 95 -39.79 -41.12 1.40
C TRP A 95 -38.76 -40.78 2.47
N GLU A 96 -37.60 -41.44 2.43
CA GLU A 96 -36.57 -41.17 3.43
C GLU A 96 -35.96 -39.79 3.23
N LYS A 97 -35.99 -39.26 2.00
CA LYS A 97 -35.51 -37.90 1.76
C LYS A 97 -36.44 -36.88 2.40
N GLU A 98 -37.75 -37.04 2.20
CA GLU A 98 -38.71 -36.09 2.73
C GLU A 98 -38.70 -36.05 4.26
N ILE A 99 -38.17 -37.08 4.90
CA ILE A 99 -38.01 -37.04 6.36
C ILE A 99 -36.72 -36.33 6.73
N CYS A 100 -35.63 -36.62 6.00
CA CYS A 100 -34.38 -35.91 6.25
C CYS A 100 -34.51 -34.43 5.91
N LEU A 101 -35.26 -34.09 4.85
CA LEU A 101 -35.46 -32.70 4.51
C LEU A 101 -36.20 -31.95 5.62
N LYS A 102 -37.24 -32.57 6.18
CA LYS A 102 -37.92 -31.96 7.32
C LYS A 102 -37.02 -31.89 8.54
N ILE A 103 -36.05 -32.80 8.65
CA ILE A 103 -35.07 -32.72 9.72
C ILE A 103 -34.05 -31.62 9.42
N LEU A 104 -33.66 -31.48 8.14
CA LEU A 104 -32.70 -30.45 7.75
C LEU A 104 -33.28 -29.04 7.82
N ASN A 105 -34.57 -28.89 8.07
CA ASN A 105 -35.21 -27.58 8.15
C ASN A 105 -35.27 -27.04 9.58
N LEU A 106 -34.80 -27.80 10.57
CA LEU A 106 -34.92 -27.37 11.95
C LEU A 106 -34.02 -26.17 12.25
N HIS A 107 -32.78 -26.20 11.77
CA HIS A 107 -31.84 -25.11 11.97
C HIS A 107 -31.77 -24.25 10.71
N THR A 108 -31.58 -22.94 10.93
CA THR A 108 -31.44 -22.01 9.81
C THR A 108 -30.23 -22.33 8.94
N SER A 109 -29.23 -23.02 9.50
CA SER A 109 -28.02 -23.33 8.75
C SER A 109 -28.32 -24.22 7.55
N THR A 110 -28.95 -25.37 7.80
CA THR A 110 -29.26 -26.33 6.74
C THR A 110 -30.64 -26.14 6.13
N ASN A 111 -31.40 -25.15 6.57
CA ASN A 111 -32.77 -24.98 6.09
C ASN A 111 -32.79 -24.43 4.66
N GLU A 112 -32.05 -23.36 4.42
CA GLU A 112 -32.07 -22.72 3.10
C GLU A 112 -31.47 -23.60 2.02
N ARG A 113 -30.65 -24.59 2.39
CA ARG A 113 -30.04 -25.48 1.42
C ARG A 113 -31.04 -26.47 0.82
N THR A 114 -32.25 -26.56 1.37
CA THR A 114 -33.28 -27.36 0.73
C THR A 114 -33.56 -26.80 -0.66
N VAL A 115 -34.14 -27.67 -1.51
CA VAL A 115 -34.35 -27.46 -2.95
C VAL A 115 -33.01 -27.35 -3.67
N ALA A 116 -31.91 -27.43 -2.92
CA ALA A 116 -30.58 -27.54 -3.50
C ALA A 116 -29.89 -28.86 -3.19
N TYR A 117 -30.26 -29.55 -2.11
CA TYR A 117 -29.69 -30.85 -1.81
C TYR A 117 -29.95 -31.87 -2.91
N ASP A 118 -30.96 -31.64 -3.75
CA ASP A 118 -31.26 -32.59 -4.82
C ASP A 118 -30.14 -32.66 -5.85
N GLU A 119 -29.45 -31.55 -6.09
CA GLU A 119 -28.37 -31.50 -7.07
C GLU A 119 -27.07 -30.95 -6.50
N LEU A 120 -26.99 -30.69 -5.19
CA LEU A 120 -25.78 -30.12 -4.62
C LEU A 120 -24.60 -31.08 -4.75
N TYR A 121 -24.77 -32.30 -4.27
CA TYR A 121 -23.67 -33.27 -4.33
C TYR A 121 -23.41 -33.72 -5.75
N GLN A 122 -24.42 -33.71 -6.61
CA GLN A 122 -24.19 -33.98 -8.03
C GLN A 122 -23.31 -32.89 -8.65
N LYS A 123 -23.63 -31.63 -8.35
CA LYS A 123 -22.84 -30.52 -8.88
C LYS A 123 -21.40 -30.56 -8.39
N ILE A 124 -21.21 -30.87 -7.10
CA ILE A 124 -19.86 -30.89 -6.54
C ILE A 124 -19.06 -32.04 -7.13
N PHE A 125 -19.66 -33.23 -7.24
CA PHE A 125 -18.93 -34.39 -7.75
C PHE A 125 -18.66 -34.30 -9.24
N GLU A 126 -19.31 -33.39 -9.97
CA GLU A 126 -18.96 -33.17 -11.37
C GLU A 126 -17.57 -32.55 -11.52
N VAL A 127 -17.07 -31.88 -10.50
CA VAL A 127 -15.78 -31.20 -10.56
C VAL A 127 -14.75 -32.04 -9.82
N THR A 128 -15.17 -32.70 -8.75
CA THR A 128 -14.26 -33.46 -7.88
C THR A 128 -14.28 -34.96 -8.14
N GLY A 129 -15.40 -35.50 -8.62
CA GLY A 129 -15.52 -36.94 -8.70
C GLY A 129 -16.00 -37.53 -7.39
N VAL A 130 -16.71 -38.66 -7.50
CA VAL A 130 -17.28 -39.33 -6.33
C VAL A 130 -16.15 -39.75 -5.40
N PRO A 131 -16.08 -39.18 -4.20
CA PRO A 131 -14.94 -39.43 -3.31
C PRO A 131 -15.09 -40.76 -2.58
N THR A 132 -14.04 -41.11 -1.85
CA THR A 132 -14.04 -42.28 -0.99
C THR A 132 -14.39 -41.96 0.46
N SER A 133 -14.38 -40.68 0.84
CA SER A 133 -14.68 -40.28 2.20
C SER A 133 -14.99 -38.79 2.20
N ILE A 134 -15.94 -38.39 3.04
CA ILE A 134 -16.34 -36.99 3.20
C ILE A 134 -16.14 -36.60 4.66
N THR A 135 -15.50 -35.45 4.88
CA THR A 135 -15.32 -34.89 6.21
C THR A 135 -16.07 -33.57 6.29
N ASP A 136 -16.89 -33.41 7.33
CA ASP A 136 -17.77 -32.26 7.48
C ASP A 136 -17.41 -31.55 8.79
N ALA A 137 -16.71 -30.43 8.67
CA ALA A 137 -16.33 -29.62 9.82
C ALA A 137 -17.46 -28.68 10.17
N GLY A 138 -17.87 -28.68 11.44
CA GLY A 138 -19.04 -27.95 11.86
C GLY A 138 -20.26 -28.43 11.09
N CYS A 139 -20.48 -29.75 11.11
CA CYS A 139 -21.49 -30.35 10.24
C CYS A 139 -22.89 -29.90 10.62
N ALA A 140 -23.18 -29.82 11.91
CA ALA A 140 -24.51 -29.47 12.43
C ALA A 140 -25.49 -30.55 11.92
N LEU A 141 -26.58 -30.19 11.27
CA LEU A 141 -27.57 -31.15 10.80
C LEU A 141 -27.23 -31.76 9.45
N ASN A 142 -26.15 -31.31 8.81
CA ASN A 142 -25.74 -31.75 7.47
C ASN A 142 -25.59 -33.27 7.34
N PRO A 143 -25.17 -34.01 8.39
CA PRO A 143 -25.14 -35.48 8.26
C PRO A 143 -26.44 -36.10 7.77
N PHE A 144 -27.58 -35.45 8.00
CA PHE A 144 -28.85 -35.99 7.52
C PHE A 144 -29.05 -35.81 6.02
N SER A 145 -28.10 -35.20 5.33
CA SER A 145 -28.13 -35.15 3.86
C SER A 145 -27.54 -36.40 3.24
N PHE A 146 -27.46 -37.50 4.00
CA PHE A 146 -26.86 -38.73 3.50
C PHE A 146 -27.68 -39.41 2.40
N PRO A 147 -29.01 -39.26 2.34
CA PRO A 147 -29.71 -39.79 1.15
C PRO A 147 -29.29 -39.12 -0.15
N PHE A 148 -28.64 -37.96 -0.08
CA PHE A 148 -28.30 -37.20 -1.27
C PHE A 148 -26.88 -37.47 -1.76
N PHE A 149 -25.90 -37.60 -0.86
CA PHE A 149 -24.56 -37.91 -1.33
C PHE A 149 -24.31 -39.41 -1.46
N THR A 150 -25.06 -40.25 -0.75
CA THR A 150 -24.98 -41.69 -1.02
C THR A 150 -25.59 -42.02 -2.37
N GLU A 151 -26.69 -41.34 -2.73
CA GLU A 151 -27.27 -41.51 -4.06
C GLU A 151 -26.39 -40.88 -5.13
N ALA A 152 -25.65 -39.83 -4.78
CA ALA A 152 -24.75 -39.20 -5.73
C ALA A 152 -23.52 -40.04 -6.02
N GLY A 153 -23.30 -41.12 -5.29
CA GLY A 153 -22.19 -42.03 -5.52
C GLY A 153 -21.27 -42.22 -4.33
N MET A 154 -21.32 -41.34 -3.34
CA MET A 154 -20.45 -41.41 -2.17
C MET A 154 -20.97 -42.52 -1.26
N LEU A 155 -20.28 -43.66 -1.28
CA LEU A 155 -20.61 -44.78 -0.41
C LEU A 155 -19.54 -45.04 0.64
N GLY A 156 -18.54 -44.18 0.73
CA GLY A 156 -17.50 -44.30 1.74
C GLY A 156 -17.98 -43.87 3.10
N GLN A 157 -17.03 -43.54 3.97
CA GLN A 157 -17.32 -43.18 5.35
C GLN A 157 -17.50 -41.68 5.47
N TYR A 158 -18.57 -41.28 6.15
CA TYR A 158 -18.86 -39.88 6.43
C TYR A 158 -18.49 -39.59 7.88
N ILE A 159 -17.64 -38.58 8.09
CA ILE A 159 -17.17 -38.21 9.42
C ILE A 159 -17.44 -36.73 9.59
N GLY A 160 -18.54 -36.40 10.24
CA GLY A 160 -18.89 -35.02 10.57
C GLY A 160 -18.72 -34.77 12.05
N PHE A 161 -18.10 -33.64 12.38
CA PHE A 161 -17.86 -33.28 13.77
C PHE A 161 -18.28 -31.83 14.00
N ASP A 162 -18.61 -31.52 15.24
CA ASP A 162 -19.09 -30.19 15.61
C ASP A 162 -18.61 -29.87 17.02
N LEU A 163 -19.00 -28.70 17.52
CA LEU A 163 -18.52 -28.20 18.80
C LEU A 163 -19.41 -28.61 19.97
N ASP A 164 -20.73 -28.45 19.81
CA ASP A 164 -21.66 -28.71 20.92
C ASP A 164 -21.87 -30.21 21.09
N LYS A 165 -21.69 -30.69 22.32
CA LYS A 165 -21.86 -32.12 22.59
C LYS A 165 -23.31 -32.55 22.43
N GLY A 166 -24.23 -31.79 23.02
CA GLY A 166 -25.64 -32.16 23.00
C GLY A 166 -26.20 -32.32 21.60
N MET A 167 -25.71 -31.51 20.65
CA MET A 167 -26.16 -31.66 19.27
C MET A 167 -25.66 -32.97 18.68
N ILE A 168 -24.38 -33.27 18.87
CA ILE A 168 -23.81 -34.51 18.33
C ILE A 168 -24.52 -35.73 18.90
N GLU A 169 -24.85 -35.68 20.20
CA GLU A 169 -25.63 -36.76 20.79
C GLU A 169 -26.99 -36.89 20.12
N ALA A 170 -27.62 -35.75 19.83
CA ALA A 170 -28.92 -35.77 19.16
C ALA A 170 -28.80 -36.36 17.75
N ILE A 171 -27.70 -36.05 17.05
CA ILE A 171 -27.50 -36.62 15.72
C ILE A 171 -27.22 -38.11 15.82
N GLU A 172 -26.42 -38.51 16.82
CA GLU A 172 -26.06 -39.92 16.97
C GLU A 172 -27.29 -40.79 17.19
N HIS A 173 -28.15 -40.37 18.13
CA HIS A 173 -29.33 -41.18 18.45
C HIS A 173 -30.34 -41.16 17.31
N SER A 174 -30.51 -40.01 16.65
CA SER A 174 -31.48 -39.91 15.56
C SER A 174 -31.04 -40.73 14.35
N LEU A 175 -29.74 -40.78 14.09
CA LEU A 175 -29.25 -41.58 12.97
C LEU A 175 -29.52 -43.07 13.19
N ARG A 176 -29.33 -43.55 14.42
CA ARG A 176 -29.62 -44.94 14.72
C ARG A 176 -31.11 -45.23 14.60
N THR A 177 -31.95 -44.26 14.99
CA THR A 177 -33.39 -44.43 14.84
C THR A 177 -33.79 -44.50 13.38
N LEU A 178 -33.12 -43.74 12.52
CA LEU A 178 -33.35 -43.81 11.08
C LEU A 178 -32.73 -45.04 10.43
N ASN A 179 -31.96 -45.84 11.19
CA ASN A 179 -31.20 -46.96 10.64
C ASN A 179 -30.30 -46.50 9.50
N ALA A 180 -29.70 -45.33 9.66
CA ALA A 180 -28.79 -44.79 8.66
C ALA A 180 -27.58 -45.71 8.50
N PRO A 181 -26.92 -45.69 7.34
CA PRO A 181 -25.73 -46.53 7.15
C PRO A 181 -24.66 -46.20 8.19
N GLU A 182 -23.99 -47.25 8.67
CA GLU A 182 -23.05 -47.14 9.77
C GLU A 182 -21.79 -46.41 9.33
N GLY A 183 -21.71 -46.09 8.04
CA GLY A 183 -20.69 -45.21 7.51
C GLY A 183 -20.89 -43.74 7.85
N ILE A 184 -22.10 -43.36 8.23
CA ILE A 184 -22.41 -41.99 8.63
C ILE A 184 -22.03 -41.82 10.10
N VAL A 185 -20.80 -41.39 10.34
CA VAL A 185 -20.26 -41.24 11.69
C VAL A 185 -20.30 -39.78 12.09
N VAL A 186 -20.74 -39.52 13.32
CA VAL A 186 -20.70 -38.18 13.90
C VAL A 186 -19.90 -38.24 15.19
N LYS A 187 -19.28 -37.12 15.54
CA LYS A 187 -18.49 -37.02 16.76
C LYS A 187 -18.35 -35.54 17.10
N GLN A 188 -17.64 -35.25 18.18
CA GLN A 188 -17.35 -33.89 18.58
C GLN A 188 -15.89 -33.57 18.32
N GLY A 189 -15.63 -32.36 17.85
CA GLY A 189 -14.27 -31.95 17.58
C GLY A 189 -14.22 -30.50 17.16
N ASP A 190 -13.01 -29.96 17.19
CA ASP A 190 -12.74 -28.59 16.77
C ASP A 190 -11.65 -28.61 15.71
N ILE A 191 -11.91 -27.94 14.59
CA ILE A 191 -10.94 -27.90 13.50
C ILE A 191 -9.74 -27.03 13.81
N LEU A 192 -9.81 -26.22 14.87
CA LEU A 192 -8.71 -25.33 15.23
C LEU A 192 -7.75 -25.95 16.24
N SER A 193 -8.18 -26.95 17.01
CA SER A 193 -7.36 -27.55 18.05
C SER A 193 -7.03 -29.02 17.81
N ASP A 194 -7.90 -29.76 17.14
CA ASP A 194 -7.59 -31.15 16.84
C ASP A 194 -6.42 -31.23 15.86
N PRO A 195 -5.61 -32.28 15.93
CA PRO A 195 -4.49 -32.42 14.98
C PRO A 195 -4.99 -32.43 13.55
N SER A 196 -4.09 -32.03 12.63
CA SER A 196 -4.45 -31.91 11.23
C SER A 196 -4.97 -33.23 10.69
N GLY A 197 -6.07 -33.16 9.94
CA GLY A 197 -6.72 -34.34 9.40
C GLY A 197 -6.42 -34.56 7.92
N GLU A 198 -7.01 -35.62 7.39
CA GLU A 198 -6.87 -35.98 5.99
C GLU A 198 -8.21 -36.52 5.49
N SER A 199 -8.62 -36.07 4.31
CA SER A 199 -9.91 -36.45 3.78
C SER A 199 -9.86 -36.44 2.25
N ASP A 200 -10.76 -37.21 1.64
CA ASP A 200 -10.93 -37.14 0.20
C ASP A 200 -11.72 -35.89 -0.19
N LEU A 201 -12.60 -35.42 0.67
CA LEU A 201 -13.38 -34.21 0.42
C LEU A 201 -13.73 -33.58 1.76
N LEU A 202 -13.20 -32.38 2.00
CA LEU A 202 -13.46 -31.63 3.23
C LEU A 202 -14.55 -30.60 2.97
N LEU A 203 -15.55 -30.55 3.84
CA LEU A 203 -16.67 -29.64 3.71
C LEU A 203 -16.57 -28.57 4.79
N MET A 204 -16.50 -27.31 4.36
CA MET A 204 -16.53 -26.19 5.29
C MET A 204 -17.74 -25.31 5.00
N PHE A 205 -18.94 -25.89 5.13
CA PHE A 205 -20.17 -25.18 4.79
C PHE A 205 -20.48 -24.13 5.84
N LYS A 206 -20.44 -22.86 5.43
CA LYS A 206 -20.78 -21.73 6.30
C LYS A 206 -19.94 -21.74 7.59
N LEU A 207 -18.65 -22.05 7.44
CA LEU A 207 -17.75 -22.13 8.58
C LEU A 207 -16.50 -21.27 8.45
N TYR A 208 -16.10 -20.89 7.23
CA TYR A 208 -14.84 -20.17 7.06
C TYR A 208 -14.84 -18.84 7.81
N THR A 209 -15.90 -18.05 7.64
CA THR A 209 -15.96 -16.76 8.32
C THR A 209 -16.11 -16.91 9.82
N LEU A 210 -16.77 -17.98 10.27
CA LEU A 210 -16.85 -18.25 11.71
C LEU A 210 -15.48 -18.52 12.29
N LEU A 211 -14.60 -19.18 11.52
CA LEU A 211 -13.27 -19.50 12.04
C LEU A 211 -12.44 -18.24 12.25
N ASP A 212 -12.52 -17.28 11.33
CA ASP A 212 -11.70 -16.08 11.44
C ASP A 212 -12.10 -15.20 12.62
N ARG A 213 -13.28 -15.43 13.20
CA ARG A 213 -13.63 -14.73 14.44
C ARG A 213 -13.04 -15.42 15.66
N GLN A 214 -13.10 -16.75 15.69
CA GLN A 214 -12.57 -17.50 16.84
C GLN A 214 -11.06 -17.36 16.94
N GLU A 215 -10.36 -17.45 15.81
CA GLU A 215 -8.93 -17.24 15.75
C GLU A 215 -8.62 -16.45 14.48
N GLU A 216 -7.92 -15.33 14.65
CA GLU A 216 -7.69 -14.42 13.54
C GLU A 216 -6.83 -15.08 12.47
N ALA A 217 -7.28 -14.97 11.21
CA ALA A 217 -6.57 -15.52 10.05
C ALA A 217 -6.34 -17.03 10.19
N SER A 218 -7.38 -17.74 10.65
CA SER A 218 -7.29 -19.18 10.83
C SER A 218 -7.93 -19.98 9.70
N GLY A 219 -8.82 -19.36 8.93
CA GLY A 219 -9.49 -20.10 7.86
C GLY A 219 -8.52 -20.57 6.79
N LEU A 220 -7.68 -19.66 6.30
CA LEU A 220 -6.68 -20.04 5.31
C LEU A 220 -5.62 -20.94 5.91
N LYS A 221 -5.34 -20.79 7.21
CA LYS A 221 -4.38 -21.67 7.87
C LYS A 221 -4.87 -23.11 7.87
N ILE A 222 -6.14 -23.32 8.18
CA ILE A 222 -6.69 -24.68 8.20
C ILE A 222 -6.71 -25.27 6.79
N LEU A 223 -7.13 -24.48 5.80
CA LEU A 223 -7.17 -24.96 4.43
C LEU A 223 -5.78 -25.28 3.88
N GLN A 224 -4.73 -24.71 4.47
CA GLN A 224 -3.36 -25.02 4.07
C GLN A 224 -2.78 -26.18 4.87
N GLU A 225 -3.08 -26.26 6.17
CA GLU A 225 -2.51 -27.31 7.00
C GLU A 225 -3.22 -28.65 6.79
N TRP A 226 -4.52 -28.63 6.58
CA TRP A 226 -5.26 -29.87 6.36
C TRP A 226 -4.94 -30.46 4.99
N LYS A 227 -4.90 -31.79 4.94
CA LYS A 227 -4.69 -32.51 3.70
C LYS A 227 -6.04 -32.95 3.14
N TYR A 228 -6.27 -32.67 1.86
CA TYR A 228 -7.51 -33.04 1.21
C TYR A 228 -7.30 -33.04 -0.30
N LYS A 229 -7.99 -33.98 -0.98
CA LYS A 229 -8.00 -33.93 -2.44
C LYS A 229 -8.81 -32.74 -2.93
N ASN A 230 -9.89 -32.41 -2.24
CA ASN A 230 -10.73 -31.27 -2.59
C ASN A 230 -11.41 -30.77 -1.32
N ALA A 231 -11.64 -29.46 -1.27
CA ALA A 231 -12.34 -28.82 -0.17
C ALA A 231 -13.42 -27.91 -0.73
N VAL A 232 -14.58 -27.91 -0.09
CA VAL A 232 -15.72 -27.09 -0.51
C VAL A 232 -16.02 -26.11 0.61
N ILE A 233 -15.77 -24.83 0.37
CA ILE A 233 -16.03 -23.77 1.34
C ILE A 233 -17.19 -22.95 0.81
N SER A 234 -18.25 -22.84 1.62
CA SER A 234 -19.48 -22.17 1.20
C SER A 234 -19.71 -20.91 2.02
N PHE A 235 -20.44 -19.98 1.44
CA PHE A 235 -20.79 -18.70 2.05
C PHE A 235 -22.21 -18.34 1.66
N PRO A 236 -22.91 -17.57 2.50
CA PRO A 236 -24.23 -17.06 2.12
C PRO A 236 -24.10 -15.90 1.13
N ILE A 237 -25.25 -15.44 0.65
CA ILE A 237 -25.34 -14.37 -0.33
C ILE A 237 -26.14 -13.19 0.19
N LYS A 238 -27.22 -13.45 0.91
CA LYS A 238 -28.12 -12.42 1.41
C LYS A 238 -28.71 -11.59 0.27
N VAL A 245 -28.97 -0.36 0.23
CA VAL A 245 -28.24 -1.62 0.38
C VAL A 245 -26.78 -1.31 0.72
N GLY A 246 -26.13 -2.24 1.39
CA GLY A 246 -24.74 -2.07 1.78
C GLY A 246 -24.57 -1.87 3.28
N MET A 247 -25.35 -2.60 4.07
CA MET A 247 -25.30 -2.50 5.53
C MET A 247 -24.83 -3.79 6.18
N GLU A 248 -24.28 -4.72 5.41
CA GLU A 248 -23.67 -5.94 5.95
C GLU A 248 -22.37 -6.19 5.19
N GLU A 249 -21.32 -6.53 5.94
CA GLU A 249 -20.02 -6.76 5.32
C GLU A 249 -20.06 -7.99 4.43
N ASN A 250 -19.71 -7.81 3.16
CA ASN A 250 -19.68 -8.90 2.19
C ASN A 250 -18.43 -9.73 2.44
N TYR A 251 -18.60 -10.96 2.93
CA TYR A 251 -17.48 -11.81 3.30
C TYR A 251 -17.12 -12.83 2.23
N THR A 252 -17.93 -12.98 1.18
CA THR A 252 -17.57 -13.88 0.09
C THR A 252 -16.34 -13.37 -0.65
N VAL A 253 -16.35 -12.11 -1.07
CA VAL A 253 -15.19 -11.53 -1.74
C VAL A 253 -14.00 -11.47 -0.80
N LYS A 254 -14.26 -11.32 0.51
CA LYS A 254 -13.18 -11.39 1.49
C LYS A 254 -12.40 -12.69 1.37
N PHE A 255 -13.11 -13.81 1.22
CA PHE A 255 -12.45 -15.09 1.04
C PHE A 255 -11.77 -15.18 -0.31
N GLU A 256 -12.44 -14.70 -1.37
CA GLU A 256 -11.83 -14.71 -2.69
C GLU A 256 -10.53 -13.90 -2.70
N ASN A 257 -10.49 -12.82 -1.94
CA ASN A 257 -9.27 -12.03 -1.81
C ASN A 257 -8.25 -12.68 -0.89
N ASP A 258 -8.67 -13.59 -0.01
CA ASP A 258 -7.72 -14.26 0.88
C ASP A 258 -6.85 -15.27 0.15
N LEU A 259 -7.29 -15.76 -1.02
CA LEU A 259 -6.61 -16.84 -1.72
C LEU A 259 -5.63 -16.34 -2.77
N VAL A 260 -5.36 -15.03 -2.83
CA VAL A 260 -4.49 -14.51 -3.88
C VAL A 260 -3.04 -14.92 -3.64
N GLY A 261 -2.62 -14.98 -2.37
CA GLY A 261 -1.24 -15.30 -2.05
C GLY A 261 -0.98 -16.79 -1.88
N SER A 262 -2.01 -17.53 -1.48
CA SER A 262 -1.86 -18.95 -1.23
C SER A 262 -1.73 -19.73 -2.54
N ASP A 263 -1.28 -20.98 -2.42
CA ASP A 263 -1.23 -21.90 -3.53
C ASP A 263 -2.53 -22.66 -3.72
N LEU A 264 -3.62 -22.17 -3.14
CA LEU A 264 -4.93 -22.79 -3.24
C LEU A 264 -5.61 -22.30 -4.52
N ARG A 265 -6.14 -23.24 -5.29
CA ARG A 265 -6.81 -22.94 -6.55
C ARG A 265 -8.32 -23.11 -6.41
N ILE A 266 -9.07 -22.20 -7.01
CA ILE A 266 -10.53 -22.30 -7.06
C ILE A 266 -10.88 -23.10 -8.31
N MET A 267 -11.24 -24.38 -8.12
CA MET A 267 -11.54 -25.24 -9.26
C MET A 267 -12.90 -24.93 -9.86
N GLN A 268 -13.85 -24.47 -9.05
CA GLN A 268 -15.20 -24.16 -9.54
C GLN A 268 -15.91 -23.31 -8.50
N LYS A 269 -16.77 -22.42 -8.99
CA LYS A 269 -17.56 -21.53 -8.15
C LYS A 269 -19.04 -21.80 -8.44
N LEU A 270 -19.68 -22.57 -7.56
CA LEU A 270 -21.08 -22.96 -7.75
C LEU A 270 -21.98 -22.05 -6.93
N LYS A 271 -23.04 -21.56 -7.57
CA LYS A 271 -24.06 -20.73 -6.91
C LYS A 271 -25.35 -21.54 -6.89
N LEU A 272 -25.65 -22.13 -5.74
CA LEU A 272 -26.84 -22.95 -5.55
C LEU A 272 -27.68 -22.35 -4.42
N GLY A 273 -28.94 -22.06 -4.71
CA GLY A 273 -29.80 -21.45 -3.73
C GLY A 273 -29.30 -20.08 -3.33
N ASN A 274 -29.29 -19.82 -2.02
CA ASN A 274 -28.78 -18.57 -1.46
C ASN A 274 -27.33 -18.68 -1.02
N GLU A 275 -26.56 -19.56 -1.65
CA GLU A 275 -25.21 -19.87 -1.19
C GLU A 275 -24.25 -19.92 -2.37
N MET A 276 -22.98 -19.62 -2.07
CA MET A 276 -21.89 -19.72 -3.04
C MET A 276 -20.90 -20.75 -2.55
N TYR A 277 -20.59 -21.73 -3.40
CA TYR A 277 -19.73 -22.85 -3.04
C TYR A 277 -18.42 -22.77 -3.81
N PHE A 278 -17.31 -22.72 -3.09
CA PHE A 278 -15.98 -22.67 -3.68
C PHE A 278 -15.32 -24.04 -3.54
N ILE A 279 -14.99 -24.67 -4.67
CA ILE A 279 -14.28 -25.93 -4.68
C ILE A 279 -12.79 -25.61 -4.78
N VAL A 280 -12.07 -25.80 -3.66
CA VAL A 280 -10.67 -25.43 -3.55
C VAL A 280 -9.82 -26.70 -3.58
N SER A 281 -8.74 -26.66 -4.37
CA SER A 281 -7.78 -27.75 -4.41
C SER A 281 -6.38 -27.16 -4.51
N ARG A 282 -5.41 -27.86 -3.91
CA ARG A 282 -4.02 -27.42 -3.89
C ARG A 282 -3.19 -28.06 -4.99
N LEU A 283 -3.82 -28.62 -6.02
CA LEU A 283 -3.10 -29.24 -7.11
C LEU A 283 -3.98 -29.36 -8.35
N THR B 5 -20.23 -39.70 -16.10
CA THR B 5 -18.95 -40.35 -16.43
C THR B 5 -18.26 -39.60 -17.56
N ASN B 6 -19.04 -39.00 -18.45
CA ASN B 6 -18.47 -38.29 -19.59
C ASN B 6 -17.57 -37.14 -19.15
N ASP B 7 -17.91 -36.48 -18.05
CA ASP B 7 -17.13 -35.34 -17.58
C ASP B 7 -15.89 -35.75 -16.79
N ASN B 8 -15.78 -37.00 -16.38
CA ASN B 8 -14.55 -37.46 -15.73
C ASN B 8 -13.35 -37.38 -16.65
N TYR B 9 -13.56 -37.23 -17.96
CA TYR B 9 -12.49 -37.01 -18.91
C TYR B 9 -12.10 -35.54 -19.03
N ILE B 10 -13.08 -34.64 -18.96
CA ILE B 10 -12.77 -33.22 -19.11
C ILE B 10 -12.09 -32.67 -17.86
N GLU B 11 -12.35 -33.26 -16.70
CA GLU B 11 -11.66 -32.84 -15.49
C GLU B 11 -10.21 -33.32 -15.45
N GLU B 12 -9.87 -34.32 -16.26
CA GLU B 12 -8.50 -34.84 -16.31
C GLU B 12 -7.63 -34.05 -17.27
N VAL B 13 -8.15 -33.74 -18.46
CA VAL B 13 -7.41 -32.88 -19.39
C VAL B 13 -7.29 -31.47 -18.82
N THR B 14 -8.31 -31.01 -18.09
CA THR B 14 -8.22 -29.71 -17.43
C THR B 14 -7.12 -29.68 -16.39
N ALA B 15 -6.88 -30.80 -15.70
CA ALA B 15 -5.87 -30.83 -14.65
C ALA B 15 -4.46 -30.75 -15.22
N LYS B 16 -4.21 -31.42 -16.35
CA LYS B 16 -2.87 -31.40 -16.93
C LYS B 16 -2.56 -30.05 -17.57
N VAL B 17 -3.57 -29.35 -18.08
CA VAL B 17 -3.34 -28.02 -18.62
C VAL B 17 -3.03 -27.02 -17.50
N LEU B 18 -3.74 -27.13 -16.39
CA LEU B 18 -3.54 -26.21 -15.27
C LEU B 18 -2.31 -26.53 -14.45
N THR B 19 -1.74 -27.73 -14.58
CA THR B 19 -0.54 -28.10 -13.84
C THR B 19 0.75 -27.76 -14.60
N SER B 20 0.65 -27.40 -15.88
CA SER B 20 1.82 -27.02 -16.66
C SER B 20 2.10 -25.53 -16.49
N GLY B 21 3.39 -25.20 -16.31
CA GLY B 21 3.80 -23.82 -16.11
C GLY B 21 3.45 -22.90 -17.27
N LYS B 22 3.10 -23.45 -18.44
CA LYS B 22 2.71 -22.61 -19.56
C LYS B 22 1.38 -21.93 -19.29
N TYR B 23 0.37 -22.68 -18.86
CA TYR B 23 -0.94 -22.15 -18.52
C TYR B 23 -1.28 -22.36 -17.04
N SER B 24 -0.26 -22.29 -16.19
CA SER B 24 -0.47 -22.51 -14.76
C SER B 24 -1.28 -21.39 -14.14
N THR B 25 -0.74 -20.17 -14.13
CA THR B 25 -1.39 -19.04 -13.48
C THR B 25 -2.60 -18.56 -14.25
N LEU B 26 -3.59 -19.44 -14.42
CA LEU B 26 -4.83 -19.10 -15.11
C LEU B 26 -6.00 -19.57 -14.27
N TYR B 27 -7.08 -18.81 -14.30
CA TYR B 27 -8.28 -19.13 -13.53
C TYR B 27 -8.83 -20.49 -13.96
N PRO B 28 -8.91 -21.47 -13.07
CA PRO B 28 -9.26 -22.85 -13.47
C PRO B 28 -10.62 -22.94 -14.14
N PRO B 29 -11.67 -22.28 -13.64
CA PRO B 29 -12.97 -22.37 -14.34
C PRO B 29 -12.92 -21.90 -15.78
N THR B 30 -11.95 -21.07 -16.17
CA THR B 30 -11.80 -20.72 -17.57
C THR B 30 -11.30 -21.90 -18.38
N VAL B 31 -10.29 -22.61 -17.87
CA VAL B 31 -9.77 -23.78 -18.56
C VAL B 31 -10.82 -24.88 -18.62
N ARG B 32 -11.63 -25.01 -17.57
CA ARG B 32 -12.70 -25.99 -17.57
C ARG B 32 -13.80 -25.61 -18.56
N ARG B 33 -14.08 -24.32 -18.70
CA ARG B 33 -15.17 -23.89 -19.57
C ARG B 33 -14.83 -24.13 -21.04
N VAL B 34 -13.58 -23.84 -21.44
CA VAL B 34 -13.20 -24.10 -22.82
C VAL B 34 -13.12 -25.60 -23.08
N THR B 35 -12.87 -26.39 -22.04
CA THR B 35 -12.82 -27.83 -22.22
C THR B 35 -14.21 -28.40 -22.51
N GLU B 36 -15.22 -27.95 -21.77
CA GLU B 36 -16.58 -28.39 -22.04
C GLU B 36 -17.10 -27.80 -23.36
N ARG B 37 -16.63 -26.61 -23.74
CA ARG B 37 -17.13 -25.98 -24.95
C ARG B 37 -16.73 -26.75 -26.19
N LEU B 38 -15.43 -26.93 -26.41
CA LEU B 38 -14.92 -27.68 -27.56
C LEU B 38 -14.68 -29.14 -27.24
N PHE B 39 -15.56 -29.75 -26.44
CA PHE B 39 -15.49 -31.18 -26.16
C PHE B 39 -16.19 -32.00 -27.24
N ASP B 40 -17.36 -31.54 -27.71
CA ASP B 40 -18.13 -32.31 -28.68
C ASP B 40 -17.63 -32.13 -30.11
N ARG B 41 -17.11 -30.95 -30.44
CA ARG B 41 -16.73 -30.64 -31.81
C ARG B 41 -15.43 -31.32 -32.22
N TYR B 42 -14.57 -31.69 -31.27
CA TYR B 42 -13.28 -32.26 -31.60
C TYR B 42 -13.11 -33.61 -30.91
N PRO B 43 -12.47 -34.58 -31.56
CA PRO B 43 -12.37 -35.93 -31.00
C PRO B 43 -11.50 -35.95 -29.77
N PRO B 44 -11.68 -36.95 -28.89
CA PRO B 44 -10.88 -37.00 -27.65
C PRO B 44 -9.40 -37.28 -27.88
N LYS B 45 -8.97 -37.54 -29.12
CA LYS B 45 -7.57 -37.86 -29.38
C LYS B 45 -6.68 -36.67 -29.10
N GLN B 46 -6.99 -35.52 -29.69
CA GLN B 46 -6.22 -34.28 -29.48
C GLN B 46 -7.15 -33.26 -28.83
N LEU B 47 -7.40 -33.43 -27.53
CA LEU B 47 -8.18 -32.46 -26.79
C LEU B 47 -7.32 -31.39 -26.13
N GLU B 48 -6.11 -31.77 -25.68
CA GLU B 48 -5.22 -30.77 -25.10
C GLU B 48 -4.78 -29.75 -26.14
N LYS B 49 -4.44 -30.23 -27.35
CA LYS B 49 -3.98 -29.31 -28.39
C LYS B 49 -5.07 -28.34 -28.79
N GLU B 50 -6.31 -28.83 -28.92
CA GLU B 50 -7.42 -27.93 -29.24
C GLU B 50 -7.71 -26.97 -28.10
N VAL B 51 -7.47 -27.40 -26.85
CA VAL B 51 -7.64 -26.50 -25.71
C VAL B 51 -6.47 -25.53 -25.62
N ARG B 52 -5.23 -26.06 -25.73
CA ARG B 52 -4.05 -25.21 -25.60
C ARG B 52 -3.99 -24.16 -26.71
N LYS B 53 -4.55 -24.46 -27.89
CA LYS B 53 -4.52 -23.50 -28.99
C LYS B 53 -5.61 -22.44 -28.83
N LYS B 54 -6.74 -22.79 -28.22
CA LYS B 54 -7.78 -21.79 -27.97
C LYS B 54 -7.36 -20.84 -26.86
N LEU B 55 -6.76 -21.38 -25.78
CA LEU B 55 -6.19 -20.53 -24.75
C LEU B 55 -5.02 -19.71 -25.31
N HIS B 56 -4.30 -20.26 -26.28
CA HIS B 56 -3.27 -19.48 -26.97
C HIS B 56 -3.90 -18.44 -27.88
N GLN B 57 -5.12 -18.67 -28.35
CA GLN B 57 -5.78 -17.75 -29.28
C GLN B 57 -6.40 -16.57 -28.55
N ALA B 58 -7.34 -16.83 -27.65
CA ALA B 58 -8.13 -15.79 -27.01
C ALA B 58 -7.68 -15.48 -25.59
N TYR B 59 -6.61 -16.09 -25.10
CA TYR B 59 -6.12 -15.82 -23.76
C TYR B 59 -4.61 -15.72 -23.65
N GLY B 60 -3.86 -15.93 -24.75
CA GLY B 60 -2.42 -15.94 -24.65
C GLY B 60 -1.79 -14.61 -24.34
N ALA B 61 -2.45 -13.51 -24.74
CA ALA B 61 -1.91 -12.18 -24.52
C ALA B 61 -1.99 -11.73 -23.07
N TYR B 62 -2.50 -12.57 -22.17
CA TYR B 62 -2.71 -12.20 -20.77
C TYR B 62 -2.04 -13.22 -19.85
N ILE B 63 -0.82 -13.61 -20.19
CA ILE B 63 -0.07 -14.58 -19.41
C ILE B 63 1.33 -14.03 -19.08
N ASP B 67 5.16 -12.19 -16.50
CA ASP B 67 5.16 -12.92 -15.24
C ASP B 67 4.78 -11.99 -14.09
N GLY B 68 4.31 -12.58 -12.99
CA GLY B 68 3.87 -11.77 -11.86
C GLY B 68 4.98 -10.92 -11.28
N LYS B 69 6.20 -11.46 -11.22
CA LYS B 69 7.33 -10.69 -10.73
C LYS B 69 7.62 -9.50 -11.64
N ARG B 70 7.50 -9.68 -12.95
CA ARG B 70 7.79 -8.61 -13.90
C ARG B 70 6.94 -7.38 -13.60
N LEU B 71 5.64 -7.58 -13.41
CA LEU B 71 4.76 -6.46 -13.10
C LEU B 71 5.11 -5.83 -11.76
N GLU B 72 5.06 -6.64 -10.69
CA GLU B 72 5.31 -6.13 -9.34
C GLU B 72 6.65 -5.39 -9.25
N LYS B 73 7.67 -5.91 -9.93
CA LYS B 73 8.98 -5.26 -9.89
C LYS B 73 8.90 -3.84 -10.46
N LYS B 74 8.21 -3.67 -11.59
CA LYS B 74 8.11 -2.36 -12.22
C LYS B 74 7.33 -1.39 -11.33
N ILE B 75 6.19 -1.84 -10.80
CA ILE B 75 5.33 -0.95 -10.01
C ILE B 75 6.04 -0.53 -8.74
N GLU B 76 6.68 -1.47 -8.04
CA GLU B 76 7.35 -1.13 -6.79
C GLU B 76 8.46 -0.11 -7.01
N LYS B 77 9.16 -0.20 -8.14
CA LYS B 77 10.19 0.79 -8.46
C LYS B 77 9.57 2.17 -8.64
N ILE B 78 8.41 2.24 -9.30
CA ILE B 78 7.76 3.52 -9.54
C ILE B 78 7.37 4.17 -8.21
N ILE B 79 6.91 3.37 -7.26
CA ILE B 79 6.45 3.93 -5.98
C ILE B 79 7.63 4.53 -5.21
N HIS B 80 8.80 3.92 -5.33
CA HIS B 80 10.00 4.41 -4.64
C HIS B 80 10.84 5.29 -5.56
N GLU B 81 10.20 6.26 -6.22
CA GLU B 81 10.88 7.24 -7.04
C GLU B 81 10.78 8.62 -6.41
N ILE B 82 9.58 9.19 -6.32
CA ILE B 82 9.37 10.51 -5.73
C ILE B 82 8.53 10.36 -4.46
N PRO B 83 9.12 10.49 -3.28
CA PRO B 83 8.33 10.50 -2.05
C PRO B 83 7.57 11.80 -1.88
N ASN B 84 6.57 11.76 -1.00
CA ASN B 84 5.76 12.93 -0.70
C ASN B 84 6.00 13.37 0.75
N PRO B 85 6.70 14.47 0.98
CA PRO B 85 6.88 14.95 2.36
C PRO B 85 5.54 15.29 3.00
N THR B 86 5.26 14.63 4.13
CA THR B 86 3.99 14.80 4.82
C THR B 86 3.81 16.23 5.29
N THR B 87 3.15 17.06 4.46
CA THR B 87 2.88 18.44 4.81
C THR B 87 1.43 18.79 4.49
N ASP B 88 0.99 18.45 3.29
CA ASP B 88 -0.38 18.67 2.86
C ASP B 88 -1.02 17.36 2.45
N GLU B 89 -2.36 17.33 2.53
CA GLU B 89 -3.12 16.20 1.99
C GLU B 89 -3.43 16.37 0.51
N ALA B 90 -3.57 17.62 0.06
CA ALA B 90 -3.77 17.87 -1.37
C ALA B 90 -2.53 17.51 -2.18
N THR B 91 -1.35 17.87 -1.68
CA THR B 91 -0.11 17.51 -2.36
C THR B 91 0.24 16.03 -2.22
N ARG B 92 -0.52 15.27 -1.44
CA ARG B 92 -0.43 13.81 -1.45
C ARG B 92 -1.54 13.17 -2.27
N THR B 93 -2.75 13.72 -2.20
CA THR B 93 -3.81 13.30 -3.12
C THR B 93 -3.37 13.50 -4.57
N GLU B 94 -2.70 14.62 -4.85
CA GLU B 94 -2.12 14.85 -6.16
C GLU B 94 -0.82 14.08 -6.36
N TRP B 95 -0.23 13.55 -5.30
CA TRP B 95 0.98 12.74 -5.43
C TRP B 95 0.66 11.30 -5.77
N GLU B 96 -0.37 10.72 -5.13
CA GLU B 96 -0.78 9.38 -5.50
C GLU B 96 -1.40 9.35 -6.89
N LYS B 97 -2.00 10.47 -7.32
CA LYS B 97 -2.56 10.52 -8.67
C LYS B 97 -1.46 10.46 -9.72
N GLU B 98 -0.37 11.20 -9.53
CA GLU B 98 0.71 11.20 -10.50
C GLU B 98 1.50 9.90 -10.49
N ILE B 99 1.37 9.09 -9.44
CA ILE B 99 1.99 7.76 -9.42
C ILE B 99 1.08 6.73 -10.06
N CYS B 100 -0.22 6.76 -9.73
CA CYS B 100 -1.15 5.83 -10.33
C CYS B 100 -1.21 6.00 -11.85
N LEU B 101 -1.15 7.25 -12.32
CA LEU B 101 -1.09 7.48 -13.76
C LEU B 101 0.14 6.85 -14.37
N LYS B 102 1.29 6.94 -13.69
CA LYS B 102 2.49 6.27 -14.16
C LYS B 102 2.44 4.77 -13.94
N ILE B 103 1.50 4.27 -13.14
CA ILE B 103 1.26 2.84 -13.04
C ILE B 103 0.25 2.38 -14.09
N LEU B 104 -0.79 3.19 -14.32
CA LEU B 104 -1.78 2.87 -15.34
C LEU B 104 -1.19 2.89 -16.75
N ASN B 105 -0.07 3.57 -16.95
CA ASN B 105 0.61 3.59 -18.23
C ASN B 105 1.66 2.49 -18.37
N LEU B 106 1.44 1.33 -17.74
CA LEU B 106 2.34 0.19 -17.87
C LEU B 106 1.90 -0.80 -18.94
N HIS B 107 0.62 -0.81 -19.30
CA HIS B 107 0.10 -1.67 -20.35
C HIS B 107 -0.57 -0.82 -21.42
N THR B 108 -0.59 -1.35 -22.64
CA THR B 108 -1.31 -0.69 -23.73
C THR B 108 -2.81 -0.71 -23.53
N SER B 109 -3.31 -1.47 -22.55
CA SER B 109 -4.75 -1.49 -22.28
C SER B 109 -5.20 -0.16 -21.67
N THR B 110 -4.54 0.26 -20.60
CA THR B 110 -4.83 1.54 -19.95
C THR B 110 -3.90 2.66 -20.40
N ASN B 111 -3.15 2.44 -21.48
CA ASN B 111 -2.20 3.46 -21.95
C ASN B 111 -2.93 4.62 -22.60
N GLU B 112 -3.62 4.38 -23.72
CA GLU B 112 -4.37 5.43 -24.39
C GLU B 112 -5.59 5.89 -23.60
N ARG B 113 -5.76 5.37 -22.39
CA ARG B 113 -6.86 5.76 -21.51
C ARG B 113 -6.43 6.72 -20.41
N THR B 114 -5.12 7.01 -20.30
CA THR B 114 -4.62 7.85 -19.23
C THR B 114 -5.10 9.29 -19.33
N VAL B 115 -5.51 9.73 -20.52
CA VAL B 115 -5.87 11.12 -20.75
C VAL B 115 -7.35 11.36 -20.46
N ALA B 116 -7.91 10.62 -19.49
CA ALA B 116 -9.33 10.73 -19.23
C ALA B 116 -9.72 10.52 -17.77
N TYR B 117 -8.79 10.00 -16.95
CA TYR B 117 -9.14 9.62 -15.58
C TYR B 117 -9.55 10.81 -14.72
N ASP B 118 -9.10 12.03 -15.07
CA ASP B 118 -9.49 13.21 -14.29
C ASP B 118 -10.98 13.49 -14.38
N GLU B 119 -11.65 13.03 -15.45
CA GLU B 119 -13.08 13.26 -15.59
C GLU B 119 -13.83 12.04 -16.11
N LEU B 120 -13.19 10.86 -16.12
CA LEU B 120 -13.88 9.66 -16.60
C LEU B 120 -15.05 9.31 -15.69
N TYR B 121 -14.77 9.03 -14.41
CA TYR B 121 -15.82 8.74 -13.46
C TYR B 121 -16.69 9.97 -13.18
N GLN B 122 -16.14 11.17 -13.37
CA GLN B 122 -16.94 12.38 -13.24
C GLN B 122 -18.10 12.38 -14.23
N LYS B 123 -17.81 12.14 -15.51
CA LYS B 123 -18.85 12.12 -16.52
C LYS B 123 -19.80 10.95 -16.35
N ILE B 124 -19.29 9.80 -15.90
CA ILE B 124 -20.13 8.62 -15.76
C ILE B 124 -21.13 8.81 -14.62
N PHE B 125 -20.67 9.37 -13.51
CA PHE B 125 -21.56 9.54 -12.35
C PHE B 125 -22.60 10.62 -12.56
N GLU B 126 -22.45 11.48 -13.58
CA GLU B 126 -23.50 12.44 -13.88
C GLU B 126 -24.73 11.77 -14.47
N VAL B 127 -24.56 10.61 -15.09
CA VAL B 127 -25.66 9.85 -15.68
C VAL B 127 -26.11 8.73 -14.76
N THR B 128 -25.15 7.98 -14.21
CA THR B 128 -25.47 6.83 -13.37
C THR B 128 -25.74 7.22 -11.92
N GLY B 129 -25.31 8.39 -11.49
CA GLY B 129 -25.32 8.73 -10.09
C GLY B 129 -24.12 8.14 -9.37
N VAL B 130 -23.79 8.73 -8.23
CA VAL B 130 -22.68 8.26 -7.41
C VAL B 130 -23.04 6.87 -6.89
N PRO B 131 -22.32 5.82 -7.28
CA PRO B 131 -22.72 4.46 -6.95
C PRO B 131 -22.24 4.01 -5.58
N THR B 132 -22.95 3.02 -5.04
CA THR B 132 -22.57 2.43 -3.77
C THR B 132 -21.48 1.38 -3.91
N SER B 133 -21.32 0.79 -5.10
CA SER B 133 -20.30 -0.23 -5.32
C SER B 133 -19.95 -0.25 -6.80
N ILE B 134 -18.75 -0.74 -7.11
CA ILE B 134 -18.26 -0.81 -8.47
C ILE B 134 -17.59 -2.17 -8.67
N THR B 135 -17.96 -2.87 -9.75
CA THR B 135 -17.35 -4.13 -10.14
C THR B 135 -16.74 -3.95 -11.53
N ASP B 136 -15.45 -4.23 -11.65
CA ASP B 136 -14.69 -4.04 -12.89
C ASP B 136 -14.33 -5.40 -13.46
N ALA B 137 -15.09 -5.85 -14.46
CA ALA B 137 -14.80 -7.11 -15.14
C ALA B 137 -13.57 -6.96 -16.01
N GLY B 138 -12.62 -7.90 -15.86
CA GLY B 138 -11.36 -7.82 -16.57
C GLY B 138 -10.63 -6.53 -16.26
N CYS B 139 -10.35 -6.31 -14.96
CA CYS B 139 -9.88 -5.01 -14.53
C CYS B 139 -8.48 -4.71 -15.06
N ALA B 140 -7.60 -5.70 -15.06
CA ALA B 140 -6.17 -5.50 -15.39
C ALA B 140 -5.63 -4.46 -14.41
N LEU B 141 -4.89 -3.45 -14.85
CA LEU B 141 -4.33 -2.45 -13.96
C LEU B 141 -5.31 -1.33 -13.62
N ASN B 142 -6.58 -1.46 -14.00
CA ASN B 142 -7.55 -0.41 -13.75
C ASN B 142 -7.82 -0.12 -12.27
N PRO B 143 -7.74 -1.08 -11.33
CA PRO B 143 -7.94 -0.74 -9.91
C PRO B 143 -7.08 0.41 -9.41
N PHE B 144 -5.94 0.65 -10.06
CA PHE B 144 -5.08 1.76 -9.65
C PHE B 144 -5.66 3.13 -10.00
N SER B 145 -6.74 3.18 -10.78
CA SER B 145 -7.47 4.42 -10.99
C SER B 145 -8.40 4.76 -9.83
N PHE B 146 -8.10 4.25 -8.62
CA PHE B 146 -8.97 4.45 -7.48
C PHE B 146 -8.92 5.85 -6.88
N PRO B 147 -7.81 6.60 -6.94
CA PRO B 147 -7.87 7.99 -6.46
C PRO B 147 -8.84 8.86 -7.24
N PHE B 148 -9.29 8.41 -8.40
CA PHE B 148 -10.14 9.22 -9.26
C PHE B 148 -11.62 8.99 -9.00
N PHE B 149 -12.06 7.75 -8.78
CA PHE B 149 -13.45 7.55 -8.38
C PHE B 149 -13.65 7.73 -6.89
N THR B 150 -12.60 7.60 -6.08
CA THR B 150 -12.70 7.95 -4.66
C THR B 150 -12.95 9.45 -4.52
N GLU B 151 -12.19 10.26 -5.25
CA GLU B 151 -12.40 11.71 -5.21
C GLU B 151 -13.73 12.10 -5.86
N ALA B 152 -14.22 11.30 -6.79
CA ALA B 152 -15.47 11.59 -7.49
C ALA B 152 -16.71 11.23 -6.67
N GLY B 153 -16.55 10.75 -5.43
CA GLY B 153 -17.67 10.46 -4.56
C GLY B 153 -17.89 8.99 -4.28
N MET B 154 -17.22 8.10 -5.00
CA MET B 154 -17.37 6.66 -4.78
C MET B 154 -16.51 6.26 -3.58
N LEU B 155 -17.15 6.10 -2.43
CA LEU B 155 -16.47 5.65 -1.21
C LEU B 155 -16.87 4.23 -0.82
N GLY B 156 -17.59 3.53 -1.69
CA GLY B 156 -18.01 2.16 -1.42
C GLY B 156 -16.90 1.17 -1.69
N GLN B 157 -17.29 -0.05 -2.04
CA GLN B 157 -16.36 -1.15 -2.26
C GLN B 157 -16.12 -1.34 -3.75
N TYR B 158 -14.85 -1.36 -4.14
CA TYR B 158 -14.46 -1.64 -5.52
C TYR B 158 -13.98 -3.08 -5.62
N ILE B 159 -14.58 -3.83 -6.54
CA ILE B 159 -14.23 -5.23 -6.78
C ILE B 159 -13.73 -5.34 -8.22
N GLY B 160 -12.50 -5.79 -8.38
CA GLY B 160 -11.93 -5.98 -9.70
C GLY B 160 -11.25 -7.32 -9.85
N PHE B 161 -11.62 -8.07 -10.89
CA PHE B 161 -11.08 -9.40 -11.11
C PHE B 161 -10.53 -9.52 -12.53
N ASP B 162 -9.70 -10.53 -12.72
CA ASP B 162 -9.09 -10.82 -14.01
C ASP B 162 -8.75 -12.31 -14.04
N LEU B 163 -8.01 -12.73 -15.07
CA LEU B 163 -7.69 -14.13 -15.29
C LEU B 163 -6.33 -14.52 -14.74
N ASP B 164 -5.27 -13.85 -15.20
CA ASP B 164 -3.92 -14.19 -14.77
C ASP B 164 -3.75 -13.94 -13.28
N LYS B 165 -3.49 -15.01 -12.54
CA LYS B 165 -3.34 -14.88 -11.08
C LYS B 165 -2.09 -14.10 -10.71
N GLY B 166 -1.02 -14.24 -11.50
CA GLY B 166 0.22 -13.53 -11.20
C GLY B 166 0.07 -12.02 -11.22
N MET B 167 -0.79 -11.50 -12.10
CA MET B 167 -1.04 -10.07 -12.13
C MET B 167 -1.84 -9.62 -10.92
N ILE B 168 -2.85 -10.42 -10.52
CA ILE B 168 -3.68 -10.06 -9.37
C ILE B 168 -2.83 -9.95 -8.11
N GLU B 169 -1.84 -10.84 -7.97
CA GLU B 169 -0.97 -10.79 -6.79
C GLU B 169 -0.12 -9.53 -6.78
N ALA B 170 0.37 -9.11 -7.96
CA ALA B 170 1.16 -7.90 -8.04
C ALA B 170 0.33 -6.67 -7.70
N ILE B 171 -0.92 -6.63 -8.17
CA ILE B 171 -1.79 -5.50 -7.86
C ILE B 171 -2.12 -5.47 -6.37
N GLU B 172 -2.44 -6.64 -5.80
CA GLU B 172 -2.77 -6.73 -4.38
C GLU B 172 -1.60 -6.27 -3.52
N HIS B 173 -0.38 -6.69 -3.87
CA HIS B 173 0.79 -6.29 -3.10
C HIS B 173 1.09 -4.81 -3.28
N SER B 174 0.91 -4.29 -4.49
CA SER B 174 1.17 -2.88 -4.74
C SER B 174 0.13 -1.99 -4.10
N LEU B 175 -1.12 -2.44 -4.04
CA LEU B 175 -2.16 -1.65 -3.38
C LEU B 175 -1.91 -1.52 -1.90
N ARG B 176 -1.42 -2.60 -1.27
CA ARG B 176 -1.09 -2.52 0.15
C ARG B 176 0.16 -1.69 0.39
N THR B 177 1.08 -1.65 -0.58
CA THR B 177 2.24 -0.77 -0.48
C THR B 177 1.82 0.69 -0.56
N LEU B 178 0.80 0.99 -1.36
CA LEU B 178 0.24 2.33 -1.46
C LEU B 178 -0.67 2.67 -0.29
N ASN B 179 -0.88 1.74 0.65
CA ASN B 179 -1.83 1.93 1.75
C ASN B 179 -3.23 2.25 1.21
N ALA B 180 -3.58 1.61 0.09
CA ALA B 180 -4.88 1.83 -0.51
C ALA B 180 -5.99 1.40 0.44
N PRO B 181 -7.17 2.01 0.35
CA PRO B 181 -8.27 1.63 1.23
C PRO B 181 -8.61 0.15 1.07
N GLU B 182 -8.99 -0.48 2.17
CA GLU B 182 -9.36 -1.89 2.16
C GLU B 182 -10.64 -2.16 1.41
N GLY B 183 -11.38 -1.13 1.02
CA GLY B 183 -12.55 -1.28 0.17
C GLY B 183 -12.25 -1.51 -1.28
N ILE B 184 -10.97 -1.57 -1.65
CA ILE B 184 -10.57 -1.83 -3.03
C ILE B 184 -9.94 -3.21 -3.10
N VAL B 185 -10.75 -4.22 -3.40
CA VAL B 185 -10.32 -5.60 -3.43
C VAL B 185 -10.05 -6.01 -4.87
N VAL B 186 -9.10 -6.93 -5.04
CA VAL B 186 -8.71 -7.44 -6.35
C VAL B 186 -8.68 -8.96 -6.26
N LYS B 187 -9.67 -9.62 -6.86
CA LYS B 187 -9.77 -11.06 -6.86
C LYS B 187 -9.45 -11.60 -8.25
N GLN B 188 -9.71 -12.89 -8.46
CA GLN B 188 -9.53 -13.55 -9.74
C GLN B 188 -10.86 -14.16 -10.16
N GLY B 189 -11.24 -13.97 -11.43
CA GLY B 189 -12.52 -14.47 -11.88
C GLY B 189 -12.65 -14.38 -13.38
N ASP B 190 -13.76 -14.93 -13.86
CA ASP B 190 -14.10 -14.96 -15.29
C ASP B 190 -15.60 -14.77 -15.42
N ILE B 191 -16.01 -13.74 -16.15
CA ILE B 191 -17.43 -13.46 -16.30
C ILE B 191 -18.16 -14.57 -17.05
N LEU B 192 -17.44 -15.39 -17.81
CA LEU B 192 -18.09 -16.42 -18.62
C LEU B 192 -18.41 -17.67 -17.79
N SER B 193 -17.50 -18.06 -16.91
CA SER B 193 -17.67 -19.29 -16.12
C SER B 193 -18.21 -19.04 -14.72
N ASP B 194 -17.76 -17.98 -14.06
CA ASP B 194 -18.25 -17.67 -12.72
C ASP B 194 -19.73 -17.26 -12.78
N PRO B 195 -20.49 -17.53 -11.72
CA PRO B 195 -21.91 -17.17 -11.73
C PRO B 195 -22.11 -15.67 -11.88
N SER B 196 -23.21 -15.31 -12.55
CA SER B 196 -23.54 -13.90 -12.74
C SER B 196 -23.77 -13.23 -11.39
N GLY B 197 -23.06 -12.12 -11.16
CA GLY B 197 -23.12 -11.42 -9.90
C GLY B 197 -24.05 -10.22 -9.92
N GLU B 198 -23.96 -9.42 -8.87
CA GLU B 198 -24.75 -8.21 -8.72
C GLU B 198 -23.83 -7.05 -8.36
N SER B 199 -24.05 -5.91 -9.00
CA SER B 199 -23.23 -4.73 -8.76
C SER B 199 -24.10 -3.49 -8.92
N ASP B 200 -23.66 -2.39 -8.30
CA ASP B 200 -24.32 -1.11 -8.52
C ASP B 200 -23.91 -0.54 -9.88
N LEU B 201 -22.61 -0.48 -10.14
CA LEU B 201 -22.07 -0.06 -11.42
C LEU B 201 -21.09 -1.12 -11.90
N LEU B 202 -21.32 -1.65 -13.10
CA LEU B 202 -20.49 -2.69 -13.68
C LEU B 202 -19.62 -2.09 -14.78
N LEU B 203 -18.31 -2.20 -14.62
CA LEU B 203 -17.37 -1.74 -15.63
C LEU B 203 -16.98 -2.90 -16.55
N MET B 204 -16.74 -2.56 -17.82
CA MET B 204 -16.40 -3.53 -18.84
C MET B 204 -15.59 -2.82 -19.93
N PHE B 205 -14.44 -2.27 -19.54
CA PHE B 205 -13.63 -1.46 -20.45
C PHE B 205 -12.82 -2.37 -21.37
N LYS B 206 -13.05 -2.23 -22.67
CA LYS B 206 -12.34 -3.01 -23.70
C LYS B 206 -12.48 -4.51 -23.44
N LEU B 207 -13.74 -4.95 -23.39
CA LEU B 207 -14.03 -6.36 -23.11
C LEU B 207 -15.13 -6.95 -23.97
N TYR B 208 -16.16 -6.19 -24.36
CA TYR B 208 -17.30 -6.74 -25.07
C TYR B 208 -16.87 -7.43 -26.37
N THR B 209 -15.85 -6.89 -27.04
CA THR B 209 -15.43 -7.43 -28.33
C THR B 209 -14.80 -8.81 -28.17
N LEU B 210 -13.73 -8.90 -27.37
CA LEU B 210 -13.05 -10.17 -27.21
C LEU B 210 -13.85 -11.17 -26.40
N LEU B 211 -14.92 -10.75 -25.73
CA LEU B 211 -15.85 -11.72 -25.15
C LEU B 211 -16.55 -12.51 -26.24
N ASP B 212 -16.98 -11.85 -27.31
CA ASP B 212 -17.56 -12.55 -28.45
C ASP B 212 -16.52 -13.42 -29.14
N ARG B 213 -15.23 -13.07 -29.04
CA ARG B 213 -14.18 -13.90 -29.62
C ARG B 213 -14.04 -15.21 -28.85
N GLN B 214 -14.10 -15.14 -27.52
CA GLN B 214 -13.99 -16.35 -26.70
C GLN B 214 -15.26 -17.20 -26.82
N GLU B 215 -16.42 -16.58 -26.61
CA GLU B 215 -17.71 -17.25 -26.75
C GLU B 215 -18.64 -16.36 -27.55
N GLU B 216 -19.21 -16.89 -28.61
CA GLU B 216 -20.03 -16.10 -29.52
C GLU B 216 -21.30 -15.62 -28.82
N ALA B 217 -21.65 -14.35 -29.06
CA ALA B 217 -22.85 -13.72 -28.52
C ALA B 217 -22.84 -13.72 -26.99
N SER B 218 -21.65 -13.76 -26.38
CA SER B 218 -21.53 -13.76 -24.93
C SER B 218 -21.55 -12.36 -24.34
N GLY B 219 -21.10 -11.34 -25.09
CA GLY B 219 -21.13 -10.00 -24.57
C GLY B 219 -22.54 -9.52 -24.26
N LEU B 220 -23.44 -9.63 -25.24
CA LEU B 220 -24.85 -9.32 -25.00
C LEU B 220 -25.44 -10.28 -23.97
N LYS B 221 -24.90 -11.50 -23.88
CA LYS B 221 -25.44 -12.50 -22.97
C LYS B 221 -25.29 -12.05 -21.51
N ILE B 222 -24.07 -11.73 -21.09
CA ILE B 222 -23.85 -11.41 -19.69
C ILE B 222 -24.42 -10.05 -19.32
N LEU B 223 -24.65 -9.18 -20.31
CA LEU B 223 -25.24 -7.88 -20.01
C LEU B 223 -26.70 -7.98 -19.62
N GLN B 224 -27.38 -9.04 -20.03
CA GLN B 224 -28.75 -9.30 -19.60
C GLN B 224 -28.86 -10.42 -18.59
N GLU B 225 -27.76 -11.10 -18.28
CA GLU B 225 -27.72 -12.06 -17.19
C GLU B 225 -27.45 -11.40 -15.84
N TRP B 226 -26.45 -10.52 -15.79
CA TRP B 226 -26.07 -9.85 -14.56
C TRP B 226 -27.17 -8.90 -14.10
N LYS B 227 -27.04 -8.47 -12.84
CA LYS B 227 -27.93 -7.49 -12.24
C LYS B 227 -27.12 -6.24 -11.90
N TYR B 228 -27.50 -5.11 -12.48
CA TYR B 228 -26.78 -3.87 -12.25
C TYR B 228 -27.71 -2.70 -12.49
N LYS B 229 -27.47 -1.59 -11.78
CA LYS B 229 -28.17 -0.35 -12.08
C LYS B 229 -27.71 0.21 -13.42
N ASN B 230 -26.40 0.29 -13.63
CA ASN B 230 -25.83 0.73 -14.89
C ASN B 230 -24.57 -0.06 -15.18
N ALA B 231 -24.24 -0.15 -16.46
CA ALA B 231 -23.02 -0.81 -16.90
C ALA B 231 -22.34 0.04 -17.94
N VAL B 232 -21.01 0.16 -17.84
CA VAL B 232 -20.21 0.96 -18.76
C VAL B 232 -19.41 0.00 -19.63
N ILE B 233 -19.70 0.01 -20.93
CA ILE B 233 -19.04 -0.84 -21.90
C ILE B 233 -18.19 0.06 -22.80
N SER B 234 -16.91 -0.29 -22.96
CA SER B 234 -15.96 0.53 -23.68
C SER B 234 -15.44 -0.18 -24.92
N PHE B 235 -15.06 0.61 -25.92
CA PHE B 235 -14.49 0.14 -27.17
C PHE B 235 -13.44 1.13 -27.64
N PRO B 236 -12.30 0.67 -28.12
CA PRO B 236 -11.33 1.58 -28.73
C PRO B 236 -11.69 1.91 -30.17
N ILE B 237 -11.36 3.13 -30.57
CA ILE B 237 -11.63 3.59 -31.93
C ILE B 237 -10.42 3.29 -32.80
N LYS B 238 -10.69 2.73 -33.98
CA LYS B 238 -9.63 2.36 -34.92
C LYS B 238 -10.19 2.17 -36.33
N ASN B 250 -15.82 0.16 -36.13
CA ASN B 250 -16.01 -1.17 -36.68
C ASN B 250 -16.84 -2.04 -35.74
N TYR B 251 -16.25 -2.40 -34.60
CA TYR B 251 -16.96 -3.22 -33.63
C TYR B 251 -17.99 -2.42 -32.84
N THR B 252 -17.84 -1.10 -32.77
CA THR B 252 -18.74 -0.29 -31.96
C THR B 252 -20.17 -0.35 -32.49
N VAL B 253 -20.34 -0.26 -33.80
CA VAL B 253 -21.69 -0.29 -34.37
C VAL B 253 -22.34 -1.66 -34.17
N LYS B 254 -21.54 -2.72 -34.09
CA LYS B 254 -22.09 -4.05 -33.81
C LYS B 254 -22.70 -4.10 -32.42
N PHE B 255 -22.10 -3.41 -31.46
CA PHE B 255 -22.66 -3.35 -30.11
C PHE B 255 -24.01 -2.63 -30.11
N GLU B 256 -24.07 -1.45 -30.75
CA GLU B 256 -25.31 -0.70 -30.79
C GLU B 256 -26.40 -1.45 -31.55
N ASN B 257 -26.02 -2.23 -32.56
CA ASN B 257 -27.02 -2.99 -33.31
C ASN B 257 -27.54 -4.17 -32.52
N ASP B 258 -26.71 -4.78 -31.66
CA ASP B 258 -27.16 -5.92 -30.90
C ASP B 258 -28.19 -5.53 -29.84
N LEU B 259 -28.15 -4.30 -29.35
CA LEU B 259 -29.03 -3.88 -28.27
C LEU B 259 -30.44 -3.53 -28.75
N VAL B 260 -30.64 -3.27 -30.03
CA VAL B 260 -31.96 -2.92 -30.52
C VAL B 260 -32.89 -4.12 -30.35
N GLY B 261 -34.13 -3.85 -29.92
CA GLY B 261 -35.07 -4.89 -29.59
C GLY B 261 -34.81 -5.62 -28.29
N SER B 262 -33.64 -5.46 -27.69
CA SER B 262 -33.33 -6.12 -26.44
C SER B 262 -33.89 -5.33 -25.26
N ASP B 263 -33.75 -5.91 -24.06
CA ASP B 263 -34.26 -5.25 -22.87
C ASP B 263 -33.38 -4.09 -22.44
N LEU B 264 -32.09 -4.13 -22.79
CA LEU B 264 -31.16 -3.10 -22.35
C LEU B 264 -31.38 -1.81 -23.14
N ARG B 265 -31.00 -0.69 -22.52
CA ARG B 265 -31.18 0.63 -23.10
C ARG B 265 -29.87 1.39 -23.04
N ILE B 266 -29.49 2.01 -24.15
CA ILE B 266 -28.27 2.81 -24.22
C ILE B 266 -28.59 4.18 -23.61
N MET B 267 -28.17 4.40 -22.37
CA MET B 267 -28.46 5.66 -21.71
C MET B 267 -27.57 6.79 -22.21
N GLN B 268 -26.30 6.52 -22.46
CA GLN B 268 -25.35 7.56 -22.82
C GLN B 268 -24.25 6.98 -23.70
N LYS B 269 -23.82 7.76 -24.69
CA LYS B 269 -22.68 7.43 -25.54
C LYS B 269 -21.67 8.56 -25.40
N LEU B 270 -20.45 8.22 -24.97
CA LEU B 270 -19.47 9.22 -24.62
C LEU B 270 -18.10 8.80 -25.14
N LYS B 271 -17.30 9.80 -25.55
CA LYS B 271 -15.98 9.57 -26.10
C LYS B 271 -14.94 10.27 -25.25
N LEU B 272 -14.00 9.50 -24.70
CA LEU B 272 -12.86 10.03 -23.96
C LEU B 272 -11.60 9.37 -24.47
N GLY B 273 -10.60 10.19 -24.80
CA GLY B 273 -9.37 9.68 -25.41
C GLY B 273 -9.64 9.04 -26.75
N ASN B 274 -9.40 7.73 -26.85
CA ASN B 274 -9.71 6.96 -28.06
C ASN B 274 -10.73 5.87 -27.77
N GLU B 275 -11.58 6.09 -26.77
CA GLU B 275 -12.54 5.08 -26.32
C GLU B 275 -13.96 5.61 -26.41
N MET B 276 -14.88 4.75 -26.83
CA MET B 276 -16.30 5.02 -26.78
C MET B 276 -16.87 4.33 -25.54
N TYR B 277 -17.52 5.11 -24.68
CA TYR B 277 -18.10 4.60 -23.44
C TYR B 277 -19.61 4.56 -23.57
N PHE B 278 -20.18 3.36 -23.40
CA PHE B 278 -21.62 3.15 -23.46
C PHE B 278 -22.14 2.88 -22.06
N ILE B 279 -23.01 3.77 -21.57
CA ILE B 279 -23.68 3.59 -20.30
C ILE B 279 -25.02 2.91 -20.58
N VAL B 280 -25.17 1.68 -20.10
CA VAL B 280 -26.32 0.84 -20.43
C VAL B 280 -27.07 0.51 -19.14
N SER B 281 -28.39 0.69 -19.16
CA SER B 281 -29.26 0.29 -18.06
C SER B 281 -30.45 -0.47 -18.64
N ARG B 282 -31.16 -1.17 -17.77
CA ARG B 282 -32.34 -1.92 -18.18
C ARG B 282 -33.62 -1.17 -17.80
N THR C 5 15.39 -35.13 12.48
CA THR C 5 14.25 -35.15 13.37
C THR C 5 13.07 -34.40 12.76
N ASN C 6 12.09 -34.06 13.61
CA ASN C 6 10.90 -33.36 13.13
C ASN C 6 11.24 -31.97 12.61
N ASP C 7 12.23 -31.31 13.19
CA ASP C 7 12.50 -29.90 12.92
C ASP C 7 13.91 -29.65 12.39
N ASN C 8 14.68 -30.69 12.09
CA ASN C 8 16.00 -30.47 11.51
C ASN C 8 15.95 -30.16 10.03
N TYR C 9 14.78 -30.28 9.39
CA TYR C 9 14.63 -29.76 8.04
C TYR C 9 14.50 -28.25 8.04
N ILE C 10 13.97 -27.67 9.12
CA ILE C 10 13.90 -26.22 9.25
C ILE C 10 15.30 -25.62 9.20
N GLU C 11 16.23 -26.19 9.97
CA GLU C 11 17.60 -25.69 9.96
C GLU C 11 18.26 -25.89 8.61
N GLU C 12 17.85 -26.91 7.85
CA GLU C 12 18.38 -27.10 6.50
C GLU C 12 17.83 -26.04 5.55
N VAL C 13 16.51 -25.85 5.55
CA VAL C 13 15.91 -24.83 4.69
C VAL C 13 16.35 -23.44 5.10
N THR C 14 16.58 -23.22 6.40
CA THR C 14 17.06 -21.92 6.88
C THR C 14 18.42 -21.59 6.28
N ALA C 15 19.37 -22.52 6.39
CA ALA C 15 20.72 -22.29 5.87
C ALA C 15 20.79 -22.36 4.36
N LYS C 16 19.89 -23.12 3.72
CA LYS C 16 19.92 -23.24 2.27
C LYS C 16 19.51 -21.94 1.60
N VAL C 17 18.63 -21.16 2.22
CA VAL C 17 18.21 -19.87 1.67
C VAL C 17 19.05 -18.72 2.22
N LEU C 18 19.66 -18.87 3.40
CA LEU C 18 20.57 -17.87 3.97
C LEU C 18 21.91 -17.80 3.24
N THR C 19 22.07 -18.46 2.10
CA THR C 19 23.30 -18.43 1.34
C THR C 19 23.10 -18.06 -0.12
N SER C 20 21.88 -17.78 -0.54
CA SER C 20 21.58 -17.47 -1.94
C SER C 20 21.94 -16.03 -2.32
N GLY C 21 22.70 -15.32 -1.51
CA GLY C 21 22.99 -13.91 -1.78
C GLY C 21 21.85 -12.92 -1.64
N LYS C 22 20.70 -13.23 -2.22
CA LYS C 22 19.54 -12.37 -2.07
C LYS C 22 19.04 -12.35 -0.63
N TYR C 23 19.19 -13.46 0.09
CA TYR C 23 18.70 -13.56 1.45
C TYR C 23 19.82 -13.89 2.45
N SER C 24 21.08 -13.81 2.04
CA SER C 24 22.18 -14.07 2.96
C SER C 24 22.33 -12.95 3.99
N THR C 25 22.00 -11.73 3.60
CA THR C 25 22.09 -10.58 4.50
C THR C 25 20.91 -10.49 5.47
N LEU C 26 20.01 -11.46 5.45
CA LEU C 26 18.83 -11.40 6.30
C LEU C 26 19.15 -11.86 7.71
N TYR C 27 18.30 -11.46 8.64
CA TYR C 27 18.43 -11.86 10.04
C TYR C 27 18.11 -13.34 10.18
N PRO C 28 19.03 -14.16 10.70
CA PRO C 28 18.81 -15.61 10.73
C PRO C 28 17.57 -16.02 11.52
N PRO C 29 17.33 -15.46 12.71
CA PRO C 29 16.09 -15.82 13.42
C PRO C 29 14.82 -15.43 12.68
N THR C 30 14.90 -14.48 11.75
CA THR C 30 13.71 -14.10 10.99
C THR C 30 13.32 -15.20 10.00
N VAL C 31 14.27 -15.65 9.18
CA VAL C 31 13.98 -16.70 8.21
C VAL C 31 13.70 -18.02 8.91
N ARG C 32 14.30 -18.25 10.09
CA ARG C 32 14.02 -19.46 10.84
C ARG C 32 12.56 -19.51 11.26
N ARG C 33 11.99 -18.37 11.64
CA ARG C 33 10.57 -18.34 12.01
C ARG C 33 9.69 -18.50 10.79
N VAL C 34 10.09 -17.94 9.65
CA VAL C 34 9.31 -18.10 8.42
C VAL C 34 9.29 -19.57 8.00
N THR C 35 10.39 -20.28 8.20
CA THR C 35 10.41 -21.70 7.87
C THR C 35 9.54 -22.51 8.81
N GLU C 36 9.48 -22.12 10.08
CA GLU C 36 8.62 -22.82 11.04
C GLU C 36 7.15 -22.52 10.77
N ARG C 37 6.84 -21.28 10.43
CA ARG C 37 5.46 -20.88 10.20
C ARG C 37 4.89 -21.47 8.91
N LEU C 38 5.74 -21.86 7.97
CA LEU C 38 5.31 -22.43 6.70
C LEU C 38 5.57 -23.93 6.59
N PHE C 39 6.10 -24.56 7.63
CA PHE C 39 6.44 -25.98 7.55
C PHE C 39 5.18 -26.84 7.44
N ASP C 40 4.14 -26.50 8.20
CA ASP C 40 2.92 -27.30 8.18
C ASP C 40 2.08 -27.04 6.94
N ARG C 41 2.18 -25.84 6.36
CA ARG C 41 1.28 -25.45 5.29
C ARG C 41 1.68 -26.00 3.93
N TYR C 42 2.95 -26.35 3.74
CA TYR C 42 3.46 -26.80 2.46
C TYR C 42 4.24 -28.10 2.65
N PRO C 43 4.37 -28.89 1.59
CA PRO C 43 5.10 -30.16 1.69
C PRO C 43 6.55 -29.94 2.14
N PRO C 44 7.27 -31.01 2.51
CA PRO C 44 8.68 -30.86 2.91
C PRO C 44 9.50 -30.16 1.85
N LYS C 45 9.60 -30.75 0.66
CA LYS C 45 10.16 -30.01 -0.45
C LYS C 45 9.17 -28.94 -0.92
N GLN C 46 9.68 -28.01 -1.72
CA GLN C 46 8.97 -26.81 -2.18
C GLN C 46 8.83 -25.82 -1.02
N LEU C 47 9.16 -26.24 0.20
CA LEU C 47 9.15 -25.32 1.34
C LEU C 47 10.12 -24.16 1.11
N GLU C 48 11.33 -24.47 0.61
CA GLU C 48 12.30 -23.41 0.31
C GLU C 48 11.76 -22.43 -0.71
N LYS C 49 10.94 -22.91 -1.65
CA LYS C 49 10.32 -22.01 -2.62
C LYS C 49 9.33 -21.07 -1.94
N GLU C 50 8.51 -21.59 -1.03
CA GLU C 50 7.51 -20.75 -0.38
C GLU C 50 8.13 -19.86 0.68
N VAL C 51 9.16 -20.35 1.38
CA VAL C 51 9.89 -19.51 2.33
C VAL C 51 10.55 -18.35 1.58
N ARG C 52 11.06 -18.61 0.38
CA ARG C 52 11.60 -17.54 -0.45
C ARG C 52 10.53 -16.51 -0.79
N LYS C 53 9.33 -16.97 -1.15
CA LYS C 53 8.25 -16.06 -1.52
C LYS C 53 7.79 -15.23 -0.33
N LYS C 54 7.60 -15.88 0.82
CA LYS C 54 7.13 -15.17 2.01
C LYS C 54 8.14 -14.11 2.46
N LEU C 55 9.43 -14.42 2.35
CA LEU C 55 10.45 -13.44 2.70
C LEU C 55 10.44 -12.25 1.77
N HIS C 56 9.96 -12.42 0.53
CA HIS C 56 9.92 -11.34 -0.44
C HIS C 56 8.65 -10.51 -0.35
N GLN C 57 7.54 -11.10 0.12
CA GLN C 57 6.30 -10.34 0.19
C GLN C 57 6.22 -9.53 1.48
N ALA C 58 6.88 -9.98 2.55
CA ALA C 58 6.85 -9.29 3.83
C ALA C 58 8.13 -8.56 4.16
N TYR C 59 9.29 -9.16 3.88
CA TYR C 59 10.58 -8.55 4.15
C TYR C 59 11.34 -8.23 2.88
N GLY C 60 10.70 -8.34 1.71
CA GLY C 60 11.39 -8.07 0.46
C GLY C 60 11.75 -6.62 0.27
N ALA C 61 10.96 -5.72 0.85
CA ALA C 61 11.29 -4.29 0.76
C ALA C 61 12.57 -3.96 1.51
N TYR C 62 12.74 -4.55 2.70
CA TYR C 62 13.95 -4.33 3.51
C TYR C 62 14.95 -5.44 3.17
N ILE C 63 15.84 -5.15 2.24
CA ILE C 63 16.85 -6.11 1.85
C ILE C 63 18.18 -5.41 1.58
N ILE C 66 19.98 -1.16 1.73
CA ILE C 66 20.78 -0.05 2.24
C ILE C 66 22.25 -0.27 1.91
N ASP C 67 23.05 0.78 2.05
CA ASP C 67 24.50 0.69 1.94
C ASP C 67 25.09 1.19 3.26
N GLY C 68 25.58 0.25 4.08
CA GLY C 68 26.20 0.62 5.34
C GLY C 68 27.44 1.48 5.18
N LYS C 69 28.07 1.44 4.00
CA LYS C 69 29.24 2.27 3.75
C LYS C 69 28.85 3.68 3.33
N ARG C 70 27.86 3.80 2.44
CA ARG C 70 27.39 5.13 2.04
C ARG C 70 26.76 5.86 3.22
N LEU C 71 26.14 5.13 4.15
CA LEU C 71 25.58 5.76 5.33
C LEU C 71 26.67 6.31 6.24
N GLU C 72 27.79 5.59 6.37
CA GLU C 72 28.91 6.10 7.16
C GLU C 72 29.55 7.30 6.46
N LYS C 73 29.66 7.26 5.13
CA LYS C 73 30.20 8.40 4.40
C LYS C 73 29.37 9.65 4.64
N LYS C 74 28.04 9.52 4.60
CA LYS C 74 27.18 10.67 4.85
C LYS C 74 27.29 11.15 6.30
N ILE C 75 27.42 10.22 7.24
CA ILE C 75 27.45 10.60 8.66
C ILE C 75 28.78 11.23 9.02
N GLU C 76 29.89 10.62 8.59
CA GLU C 76 31.21 11.15 8.94
C GLU C 76 31.43 12.52 8.33
N LYS C 77 30.97 12.72 7.09
CA LYS C 77 31.07 14.03 6.46
C LYS C 77 30.29 15.08 7.24
N ILE C 78 29.24 14.66 7.96
CA ILE C 78 28.41 15.60 8.71
C ILE C 78 29.14 16.09 9.95
N ILE C 79 29.74 15.17 10.71
CA ILE C 79 30.34 15.49 11.99
C ILE C 79 31.74 16.06 11.81
N HIS C 80 32.11 16.37 10.56
CA HIS C 80 33.44 16.87 10.25
C HIS C 80 33.46 18.23 9.56
N GLU C 81 32.31 18.77 9.18
CA GLU C 81 32.24 20.12 8.60
C GLU C 81 32.29 21.21 9.66
N ILE C 82 33.04 21.00 10.73
CA ILE C 82 33.10 21.93 11.85
C ILE C 82 34.36 22.80 11.76
N THR C 87 36.85 23.92 25.02
CA THR C 87 35.48 24.41 25.05
C THR C 87 34.68 23.71 26.15
N ASP C 88 33.80 24.47 26.79
CA ASP C 88 32.97 23.93 27.87
C ASP C 88 31.76 23.22 27.29
N GLU C 89 30.92 22.67 28.18
CA GLU C 89 29.74 21.94 27.76
C GLU C 89 28.56 22.83 27.41
N ALA C 90 28.68 24.15 27.58
CA ALA C 90 27.61 25.04 27.13
C ALA C 90 27.47 25.01 25.62
N THR C 91 28.57 24.81 24.90
CA THR C 91 28.55 24.66 23.45
C THR C 91 28.77 23.23 22.99
N ARG C 92 29.53 22.43 23.75
CA ARG C 92 29.71 21.03 23.40
C ARG C 92 28.37 20.30 23.35
N THR C 93 27.45 20.65 24.24
CA THR C 93 26.13 20.04 24.21
C THR C 93 25.30 20.56 23.05
N GLU C 94 25.32 21.87 22.83
CA GLU C 94 24.56 22.45 21.73
C GLU C 94 25.12 22.01 20.38
N TRP C 95 26.45 21.89 20.28
CA TRP C 95 27.06 21.42 19.04
C TRP C 95 26.73 19.95 18.79
N GLU C 96 26.51 19.17 19.84
CA GLU C 96 26.18 17.75 19.66
C GLU C 96 24.77 17.58 19.14
N LYS C 97 23.83 18.40 19.60
CA LYS C 97 22.47 18.35 19.09
C LYS C 97 22.43 18.69 17.61
N GLU C 98 22.94 19.88 17.26
CA GLU C 98 22.93 20.32 15.86
C GLU C 98 23.68 19.36 14.95
N ILE C 99 24.60 18.57 15.49
CA ILE C 99 25.26 17.55 14.67
C ILE C 99 24.46 16.27 14.61
N CYS C 100 23.53 16.07 15.55
CA CYS C 100 22.63 14.92 15.53
C CYS C 100 21.42 15.15 14.65
N LEU C 101 20.85 16.36 14.67
CA LEU C 101 19.76 16.67 13.75
C LEU C 101 20.23 16.62 12.31
N LYS C 102 21.49 16.99 12.05
CA LYS C 102 22.04 16.84 10.71
C LYS C 102 22.06 15.38 10.28
N ILE C 103 22.19 14.46 11.23
CA ILE C 103 22.15 13.03 10.94
C ILE C 103 20.71 12.51 10.91
N LEU C 104 19.86 13.01 11.81
CA LEU C 104 18.48 12.56 11.87
C LEU C 104 17.71 12.93 10.60
N ASN C 105 18.10 14.02 9.94
CA ASN C 105 17.42 14.46 8.73
C ASN C 105 17.73 13.60 7.52
N LEU C 106 18.69 12.67 7.62
CA LEU C 106 18.97 11.78 6.50
C LEU C 106 17.81 10.81 6.27
N HIS C 107 17.43 10.06 7.29
CA HIS C 107 16.31 9.14 7.19
C HIS C 107 14.99 9.92 7.16
N THR C 108 14.09 9.52 6.26
CA THR C 108 12.82 10.23 6.10
C THR C 108 11.93 10.09 7.33
N SER C 109 12.10 9.04 8.13
CA SER C 109 11.26 8.87 9.31
C SER C 109 11.73 9.75 10.46
N THR C 110 13.03 9.80 10.71
CA THR C 110 13.58 10.66 11.75
C THR C 110 13.64 12.12 11.32
N ASN C 111 13.56 12.41 10.03
CA ASN C 111 13.59 13.79 9.57
C ASN C 111 12.36 14.55 10.04
N GLU C 112 11.17 13.96 9.85
CA GLU C 112 9.94 14.64 10.23
C GLU C 112 9.86 14.85 11.74
N ARG C 113 10.49 13.96 12.52
CA ARG C 113 10.43 14.03 13.98
C ARG C 113 11.36 15.09 14.57
N THR C 114 12.28 15.64 13.77
CA THR C 114 13.17 16.69 14.27
C THR C 114 12.40 17.92 14.75
N VAL C 115 11.18 18.12 14.24
CA VAL C 115 10.37 19.24 14.69
C VAL C 115 10.00 19.08 16.16
N ALA C 116 9.80 17.84 16.61
CA ALA C 116 9.32 17.58 17.97
C ALA C 116 10.38 16.99 18.89
N TYR C 117 11.58 16.66 18.39
CA TYR C 117 12.58 16.01 19.20
C TYR C 117 12.99 16.85 20.42
N ASP C 118 12.91 18.18 20.29
CA ASP C 118 13.30 19.05 21.39
C ASP C 118 12.38 18.92 22.61
N GLU C 119 11.15 18.45 22.40
CA GLU C 119 10.23 18.27 23.53
C GLU C 119 9.50 16.93 23.47
N LEU C 120 9.86 16.02 22.57
CA LEU C 120 9.17 14.74 22.47
C LEU C 120 9.36 13.92 23.74
N TYR C 121 10.62 13.62 24.09
CA TYR C 121 10.90 12.82 25.27
C TYR C 121 10.53 13.54 26.56
N GLN C 122 10.49 14.87 26.54
CA GLN C 122 10.06 15.60 27.73
C GLN C 122 8.57 15.39 28.01
N LYS C 123 7.74 15.48 26.96
CA LYS C 123 6.30 15.31 27.13
C LYS C 123 5.91 13.84 27.26
N ILE C 124 6.78 12.90 26.86
CA ILE C 124 6.51 11.49 27.08
C ILE C 124 6.81 11.11 28.52
N PHE C 125 7.89 11.64 29.09
CA PHE C 125 8.29 11.24 30.42
C PHE C 125 7.38 11.82 31.50
N GLU C 126 6.74 12.95 31.23
CA GLU C 126 5.79 13.49 32.19
C GLU C 126 4.51 12.65 32.28
N VAL C 127 4.33 11.71 31.36
CA VAL C 127 3.21 10.78 31.42
C VAL C 127 3.64 9.44 31.99
N THR C 128 4.85 8.98 31.66
CA THR C 128 5.34 7.67 32.08
C THR C 128 6.36 7.72 33.20
N GLY C 129 6.94 8.87 33.48
CA GLY C 129 8.09 8.91 34.37
C GLY C 129 9.38 8.67 33.61
N VAL C 130 10.45 9.28 34.10
CA VAL C 130 11.77 9.12 33.49
C VAL C 130 12.17 7.65 33.59
N PRO C 131 12.29 6.94 32.48
CA PRO C 131 12.53 5.49 32.53
C PRO C 131 13.99 5.17 32.85
N THR C 132 14.22 3.91 33.20
CA THR C 132 15.57 3.41 33.43
C THR C 132 16.21 2.90 32.15
N SER C 133 15.46 2.15 31.34
CA SER C 133 15.94 1.65 30.07
C SER C 133 14.95 2.04 28.97
N ILE C 134 15.46 2.10 27.74
CA ILE C 134 14.64 2.38 26.57
C ILE C 134 14.99 1.36 25.50
N THR C 135 13.97 0.74 24.91
CA THR C 135 14.13 -0.21 23.81
C THR C 135 13.41 0.35 22.60
N ASP C 136 14.14 0.50 21.49
CA ASP C 136 13.62 1.10 20.28
C ASP C 136 13.55 0.03 19.20
N ALA C 137 12.36 -0.54 19.00
CA ALA C 137 12.16 -1.54 17.96
C ALA C 137 12.09 -0.84 16.60
N GLY C 138 12.86 -1.36 15.64
CA GLY C 138 12.99 -0.72 14.35
C GLY C 138 13.48 0.70 14.49
N CYS C 139 14.58 0.87 15.23
CA CYS C 139 15.02 2.21 15.62
C CYS C 139 15.41 3.07 14.42
N ALA C 140 16.09 2.47 13.45
CA ALA C 140 16.67 3.20 12.31
C ALA C 140 17.63 4.23 12.89
N LEU C 141 17.55 5.50 12.50
CA LEU C 141 18.50 6.51 12.97
C LEU C 141 18.08 7.15 14.29
N ASN C 142 17.00 6.68 14.91
CA ASN C 142 16.51 7.19 16.18
C ASN C 142 17.55 7.19 17.30
N PRO C 143 18.50 6.24 17.35
CA PRO C 143 19.56 6.35 18.36
C PRO C 143 20.24 7.70 18.42
N PHE C 144 20.39 8.40 17.29
CA PHE C 144 21.04 9.70 17.30
C PHE C 144 20.22 10.77 17.99
N SER C 145 18.99 10.46 18.41
CA SER C 145 18.19 11.36 19.23
C SER C 145 18.56 11.29 20.71
N PHE C 146 19.77 10.80 21.03
CA PHE C 146 20.16 10.64 22.43
C PHE C 146 20.41 11.97 23.15
N PRO C 147 20.85 13.05 22.50
CA PRO C 147 20.93 14.33 23.22
C PRO C 147 19.58 14.88 23.64
N PHE C 148 18.48 14.23 23.28
CA PHE C 148 17.14 14.69 23.61
C PHE C 148 16.49 13.91 24.74
N PHE C 149 16.63 12.59 24.77
CA PHE C 149 16.11 11.85 25.91
C PHE C 149 17.09 11.78 27.07
N THR C 150 18.39 11.99 26.82
CA THR C 150 19.31 12.16 27.94
C THR C 150 19.13 13.51 28.60
N GLU C 151 18.86 14.56 27.80
CA GLU C 151 18.51 15.85 28.37
C GLU C 151 17.12 15.87 28.98
N ALA C 152 16.32 14.84 28.72
CA ALA C 152 15.00 14.70 29.33
C ALA C 152 15.03 13.95 30.66
N GLY C 153 16.16 13.33 31.00
CA GLY C 153 16.27 12.63 32.27
C GLY C 153 16.77 11.20 32.13
N MET C 154 16.48 10.58 30.99
CA MET C 154 16.88 9.20 30.74
C MET C 154 18.39 9.13 30.61
N LEU C 155 19.05 8.61 31.65
CA LEU C 155 20.50 8.48 31.67
C LEU C 155 20.96 7.03 31.81
N GLY C 156 20.10 6.09 31.42
CA GLY C 156 20.40 4.67 31.50
C GLY C 156 20.84 4.10 30.16
N GLN C 157 20.51 2.84 29.95
CA GLN C 157 20.90 2.13 28.74
C GLN C 157 19.80 2.21 27.68
N TYR C 158 20.17 2.66 26.49
CA TYR C 158 19.30 2.67 25.33
C TYR C 158 19.73 1.56 24.38
N ILE C 159 18.86 0.59 24.16
CA ILE C 159 19.14 -0.53 23.26
C ILE C 159 18.11 -0.45 22.13
N GLY C 160 18.56 0.00 20.97
CA GLY C 160 17.72 0.05 19.77
C GLY C 160 18.19 -1.00 18.78
N PHE C 161 17.24 -1.68 18.16
CA PHE C 161 17.54 -2.73 17.20
C PHE C 161 16.69 -2.54 15.95
N ASP C 162 17.26 -2.94 14.81
CA ASP C 162 16.57 -2.82 13.53
C ASP C 162 16.88 -4.05 12.69
N LEU C 163 16.02 -4.28 11.69
CA LEU C 163 16.17 -5.45 10.84
C LEU C 163 17.41 -5.37 9.96
N ASP C 164 17.87 -4.16 9.66
CA ASP C 164 18.92 -3.94 8.67
C ASP C 164 20.28 -4.06 9.35
N LYS C 165 21.04 -5.09 8.95
CA LYS C 165 22.38 -5.27 9.51
C LYS C 165 23.33 -4.15 9.06
N GLY C 166 23.19 -3.70 7.82
CA GLY C 166 24.07 -2.65 7.33
C GLY C 166 23.86 -1.32 8.02
N MET C 167 22.60 -1.00 8.33
CA MET C 167 22.32 0.27 9.00
C MET C 167 22.76 0.24 10.45
N ILE C 168 22.68 -0.91 11.11
CA ILE C 168 23.04 -1.00 12.52
C ILE C 168 24.53 -0.75 12.71
N GLU C 169 25.35 -1.39 11.87
CA GLU C 169 26.80 -1.23 11.99
C GLU C 169 27.21 0.21 11.68
N ALA C 170 26.53 0.86 10.74
CA ALA C 170 26.85 2.24 10.41
C ALA C 170 26.60 3.17 11.60
N ILE C 171 25.59 2.87 12.41
CA ILE C 171 25.33 3.67 13.60
C ILE C 171 26.35 3.37 14.69
N GLU C 172 26.68 2.09 14.86
CA GLU C 172 27.58 1.70 15.95
C GLU C 172 28.97 2.31 15.76
N HIS C 173 29.49 2.26 14.53
CA HIS C 173 30.79 2.88 14.27
C HIS C 173 30.71 4.40 14.38
N SER C 174 29.57 4.99 14.05
CA SER C 174 29.42 6.44 14.14
C SER C 174 29.20 6.91 15.57
N LEU C 175 28.59 6.08 16.42
CA LEU C 175 28.43 6.45 17.82
C LEU C 175 29.76 6.42 18.56
N ARG C 176 30.68 5.55 18.13
CA ARG C 176 32.04 5.59 18.68
C ARG C 176 32.75 6.87 18.24
N THR C 177 32.58 7.26 16.98
CA THR C 177 33.18 8.50 16.50
C THR C 177 32.54 9.71 17.16
N LEU C 178 31.21 9.70 17.30
CA LEU C 178 30.50 10.77 17.98
C LEU C 178 30.73 10.80 19.48
N ASN C 179 31.46 9.82 20.02
CA ASN C 179 31.70 9.70 21.46
C ASN C 179 30.40 9.65 22.23
N ALA C 180 29.47 8.83 21.73
CA ALA C 180 28.18 8.67 22.39
C ALA C 180 28.37 8.01 23.75
N PRO C 181 27.45 8.24 24.69
CA PRO C 181 27.57 7.62 26.01
C PRO C 181 27.60 6.09 25.92
N GLU C 182 28.02 5.47 27.02
CA GLU C 182 28.16 4.02 27.04
C GLU C 182 26.82 3.30 27.04
N GLY C 183 25.75 3.97 27.44
CA GLY C 183 24.45 3.32 27.55
C GLY C 183 23.77 3.05 26.22
N ILE C 184 23.91 3.96 25.26
CA ILE C 184 23.21 3.82 23.99
C ILE C 184 23.86 2.69 23.19
N VAL C 185 23.13 1.59 23.05
CA VAL C 185 23.61 0.39 22.39
C VAL C 185 22.73 0.10 21.18
N VAL C 186 23.35 -0.32 20.08
CA VAL C 186 22.65 -0.62 18.84
C VAL C 186 22.98 -2.04 18.41
N LYS C 187 21.95 -2.80 18.05
CA LYS C 187 22.11 -4.18 17.61
C LYS C 187 21.13 -4.46 16.47
N GLN C 188 21.16 -5.67 15.95
CA GLN C 188 20.19 -6.13 14.95
C GLN C 188 19.19 -7.07 15.62
N GLY C 189 17.93 -6.91 15.27
CA GLY C 189 16.90 -7.73 15.91
C GLY C 189 15.60 -7.72 15.13
N ASP C 190 14.62 -8.42 15.69
CA ASP C 190 13.29 -8.54 15.10
C ASP C 190 12.31 -8.86 16.21
N ILE C 191 11.37 -7.95 16.47
CA ILE C 191 10.39 -8.17 17.54
C ILE C 191 9.60 -9.44 17.29
N LEU C 192 9.30 -9.74 16.03
CA LEU C 192 8.54 -10.95 15.73
C LEU C 192 9.37 -12.21 15.94
N SER C 193 10.70 -12.11 15.84
CA SER C 193 11.57 -13.26 15.92
C SER C 193 12.38 -13.32 17.21
N ASP C 194 12.91 -12.19 17.68
CA ASP C 194 13.67 -12.18 18.92
C ASP C 194 12.78 -12.64 20.08
N PRO C 195 13.37 -13.18 21.14
CA PRO C 195 12.57 -13.57 22.30
C PRO C 195 11.87 -12.37 22.93
N SER C 196 10.81 -12.65 23.68
CA SER C 196 10.06 -11.61 24.36
C SER C 196 10.97 -10.81 25.29
N GLY C 197 11.30 -9.59 24.89
CA GLY C 197 12.24 -8.80 25.65
C GLY C 197 11.57 -8.07 26.80
N GLU C 198 12.40 -7.59 27.71
CA GLU C 198 11.96 -6.83 28.88
C GLU C 198 12.61 -5.46 28.86
N SER C 199 11.81 -4.42 29.07
CA SER C 199 12.33 -3.06 29.05
C SER C 199 11.42 -2.17 29.90
N ASP C 200 11.94 -1.01 30.27
CA ASP C 200 11.16 -0.05 31.03
C ASP C 200 10.25 0.76 30.10
N LEU C 201 10.79 1.24 28.98
CA LEU C 201 10.02 1.99 28.00
C LEU C 201 10.28 1.40 26.61
N LEU C 202 9.23 0.90 25.98
CA LEU C 202 9.31 0.35 24.64
C LEU C 202 8.82 1.39 23.64
N LEU C 203 9.58 1.58 22.56
CA LEU C 203 9.24 2.54 21.52
C LEU C 203 8.98 1.80 20.22
N MET C 204 7.83 2.08 19.60
CA MET C 204 7.46 1.50 18.31
C MET C 204 6.98 2.63 17.40
N PHE C 205 7.93 3.45 16.95
CA PHE C 205 7.61 4.61 16.13
C PHE C 205 7.41 4.19 14.68
N LYS C 206 6.20 4.37 14.17
CA LYS C 206 5.87 4.07 12.77
C LYS C 206 6.25 2.63 12.42
N LEU C 207 5.82 1.69 13.27
CA LEU C 207 6.24 0.30 13.13
C LEU C 207 5.05 -0.65 13.29
N TYR C 208 4.06 -0.24 14.08
CA TYR C 208 2.91 -1.10 14.35
C TYR C 208 2.21 -1.51 13.05
N THR C 209 1.94 -0.54 12.18
CA THR C 209 1.22 -0.83 10.94
C THR C 209 2.05 -1.62 9.94
N LEU C 210 3.37 -1.70 10.12
CA LEU C 210 4.20 -2.52 9.24
C LEU C 210 4.19 -3.98 9.66
N LEU C 211 4.10 -4.26 10.96
CA LEU C 211 4.12 -5.64 11.42
C LEU C 211 2.91 -6.41 10.93
N ASP C 212 1.75 -5.74 10.85
CA ASP C 212 0.54 -6.42 10.37
C ASP C 212 0.67 -6.90 8.94
N ARG C 213 1.60 -6.30 8.16
CA ARG C 213 1.88 -6.83 6.83
C ARG C 213 2.81 -8.03 6.90
N GLN C 214 3.81 -7.99 7.78
CA GLN C 214 4.72 -9.12 7.93
C GLN C 214 4.01 -10.32 8.54
N GLU C 215 3.43 -10.14 9.72
CA GLU C 215 2.66 -11.17 10.40
C GLU C 215 1.34 -10.56 10.85
N GLU C 216 0.24 -11.11 10.34
CA GLU C 216 -1.07 -10.50 10.60
C GLU C 216 -1.39 -10.51 12.09
N ALA C 217 -1.91 -9.37 12.57
CA ALA C 217 -2.32 -9.19 13.96
C ALA C 217 -1.17 -9.33 14.95
N SER C 218 0.08 -9.26 14.47
CA SER C 218 1.23 -9.40 15.35
C SER C 218 1.52 -8.12 16.13
N GLY C 219 1.04 -6.96 15.66
CA GLY C 219 1.27 -5.73 16.39
C GLY C 219 0.65 -5.76 17.78
N LEU C 220 -0.62 -6.16 17.86
CA LEU C 220 -1.28 -6.29 19.16
C LEU C 220 -0.65 -7.41 19.97
N LYS C 221 -0.26 -8.51 19.32
CA LYS C 221 0.34 -9.63 20.04
C LYS C 221 1.67 -9.23 20.66
N ILE C 222 2.48 -8.48 19.94
CA ILE C 222 3.76 -8.01 20.49
C ILE C 222 3.51 -7.11 21.70
N LEU C 223 2.53 -6.22 21.61
CA LEU C 223 2.23 -5.34 22.73
C LEU C 223 1.69 -6.09 23.93
N GLN C 224 1.04 -7.24 23.71
CA GLN C 224 0.51 -8.03 24.80
C GLN C 224 1.53 -9.01 25.38
N GLU C 225 2.44 -9.52 24.56
CA GLU C 225 3.43 -10.49 25.04
C GLU C 225 4.67 -9.83 25.60
N TRP C 226 5.16 -8.76 24.98
CA TRP C 226 6.30 -8.03 25.50
C TRP C 226 5.99 -7.47 26.88
N LYS C 227 7.04 -7.27 27.68
CA LYS C 227 6.91 -6.75 29.03
C LYS C 227 7.51 -5.36 29.08
N TYR C 228 6.71 -4.38 29.50
CA TYR C 228 7.12 -2.99 29.56
C TYR C 228 6.33 -2.28 30.64
N LYS C 229 6.96 -1.30 31.29
CA LYS C 229 6.21 -0.39 32.14
C LYS C 229 5.24 0.44 31.31
N ASN C 230 5.74 1.03 30.23
CA ASN C 230 4.91 1.74 29.26
C ASN C 230 5.48 1.51 27.87
N ALA C 231 4.64 1.69 26.86
CA ALA C 231 5.04 1.52 25.47
C ALA C 231 4.46 2.66 24.65
N VAL C 232 5.28 3.25 23.78
CA VAL C 232 4.88 4.38 22.95
C VAL C 232 4.81 3.90 21.51
N ILE C 233 3.61 3.99 20.92
CA ILE C 233 3.36 3.54 19.56
C ILE C 233 2.96 4.75 18.73
N SER C 234 3.71 5.01 17.66
CA SER C 234 3.54 6.20 16.85
C SER C 234 2.87 5.87 15.52
N PHE C 235 2.15 6.86 14.99
CA PHE C 235 1.44 6.76 13.73
C PHE C 235 1.54 8.09 12.99
N PRO C 236 1.54 8.06 11.66
CA PRO C 236 1.48 9.31 10.90
C PRO C 236 0.07 9.90 10.95
N ILE C 237 -0.01 11.18 10.60
CA ILE C 237 -1.27 11.92 10.59
C ILE C 237 -1.85 11.87 9.19
N LYS C 238 -3.16 11.63 9.10
CA LYS C 238 -3.84 11.58 7.82
C LYS C 238 -4.55 12.90 7.53
N GLY C 246 -11.36 10.34 1.82
CA GLY C 246 -10.64 9.16 2.25
C GLY C 246 -9.79 8.54 1.16
N MET C 247 -8.57 9.06 1.00
CA MET C 247 -7.71 8.62 -0.10
C MET C 247 -7.00 7.31 0.24
N GLU C 248 -6.59 7.13 1.49
CA GLU C 248 -5.91 5.92 1.93
C GLU C 248 -6.55 5.40 3.20
N GLU C 249 -6.14 4.20 3.61
CA GLU C 249 -6.72 3.56 4.78
C GLU C 249 -6.29 4.30 6.05
N ASN C 250 -7.24 4.44 6.98
CA ASN C 250 -7.00 5.11 8.25
C ASN C 250 -6.50 4.08 9.25
N TYR C 251 -5.17 3.94 9.34
CA TYR C 251 -4.59 2.92 10.19
C TYR C 251 -4.49 3.35 11.65
N THR C 252 -4.39 4.65 11.92
CA THR C 252 -4.28 5.11 13.30
C THR C 252 -5.57 4.93 14.08
N VAL C 253 -6.70 4.75 13.41
CA VAL C 253 -7.94 4.44 14.11
C VAL C 253 -8.17 2.93 14.23
N LYS C 254 -7.59 2.13 13.33
CA LYS C 254 -7.64 0.68 13.50
C LYS C 254 -6.89 0.25 14.76
N PHE C 255 -5.83 0.98 15.11
CA PHE C 255 -5.11 0.70 16.35
C PHE C 255 -6.02 0.89 17.56
N GLU C 256 -6.73 2.01 17.62
CA GLU C 256 -7.64 2.26 18.73
C GLU C 256 -8.78 1.26 18.75
N ASN C 257 -9.14 0.70 17.59
CA ASN C 257 -10.13 -0.36 17.52
C ASN C 257 -9.53 -1.74 17.78
N ASP C 258 -8.22 -1.90 17.62
CA ASP C 258 -7.57 -3.15 18.00
C ASP C 258 -7.40 -3.28 19.50
N LEU C 259 -7.52 -2.18 20.24
CA LEU C 259 -7.28 -2.19 21.68
C LEU C 259 -8.54 -2.36 22.50
N VAL C 260 -9.72 -2.25 21.90
CA VAL C 260 -10.96 -2.53 22.63
C VAL C 260 -11.11 -4.05 22.77
N GLY C 261 -11.30 -4.50 24.00
CA GLY C 261 -11.21 -5.91 24.32
C GLY C 261 -9.83 -6.36 24.74
N SER C 262 -8.80 -5.55 24.50
CA SER C 262 -7.44 -5.84 24.94
C SER C 262 -7.27 -5.45 26.40
N ASP C 263 -6.17 -5.91 26.99
CA ASP C 263 -5.82 -5.52 28.35
C ASP C 263 -5.10 -4.18 28.40
N LEU C 264 -4.58 -3.71 27.27
CA LEU C 264 -3.87 -2.45 27.23
C LEU C 264 -4.83 -1.28 27.40
N ARG C 265 -4.30 -0.16 27.90
CA ARG C 265 -5.07 1.05 28.08
C ARG C 265 -4.22 2.25 27.66
N ILE C 266 -4.85 3.18 26.95
CA ILE C 266 -4.16 4.36 26.43
C ILE C 266 -4.00 5.35 27.57
N MET C 267 -2.74 5.57 27.99
CA MET C 267 -2.49 6.53 29.06
C MET C 267 -2.65 7.96 28.58
N GLN C 268 -2.20 8.24 27.36
CA GLN C 268 -2.29 9.59 26.80
C GLN C 268 -2.02 9.52 25.30
N LYS C 269 -2.61 10.46 24.56
CA LYS C 269 -2.38 10.60 23.14
C LYS C 269 -1.66 11.92 22.89
N LEU C 270 -0.43 11.82 22.38
CA LEU C 270 0.39 13.00 22.09
C LEU C 270 0.40 13.25 20.59
N LYS C 271 0.00 14.47 20.20
CA LYS C 271 0.16 14.93 18.83
C LYS C 271 1.31 15.92 18.80
N LEU C 272 2.42 15.52 18.19
CA LEU C 272 3.62 16.35 18.10
C LEU C 272 4.10 16.33 16.66
N GLY C 273 3.87 17.42 15.94
CA GLY C 273 4.25 17.49 14.54
C GLY C 273 3.27 16.70 13.70
N ASN C 274 3.81 15.82 12.84
CA ASN C 274 3.01 15.01 11.95
C ASN C 274 2.78 13.60 12.49
N GLU C 275 3.10 13.35 13.76
CA GLU C 275 2.99 12.03 14.35
C GLU C 275 1.98 12.04 15.51
N MET C 276 1.41 10.87 15.77
CA MET C 276 0.47 10.67 16.86
C MET C 276 1.05 9.59 17.77
N TYR C 277 1.47 9.99 18.97
CA TYR C 277 2.17 9.10 19.89
C TYR C 277 1.17 8.57 20.93
N PHE C 278 0.86 7.28 20.83
CA PHE C 278 0.02 6.61 21.81
C PHE C 278 0.89 6.05 22.93
N ILE C 279 0.58 6.42 24.16
CA ILE C 279 1.29 5.93 25.34
C ILE C 279 0.43 4.85 25.97
N VAL C 280 0.85 3.59 25.81
CA VAL C 280 0.06 2.43 26.21
C VAL C 280 0.73 1.76 27.41
N SER C 281 -0.08 1.33 28.36
CA SER C 281 0.41 0.60 29.53
C SER C 281 -0.59 -0.48 29.89
N ARG C 282 -0.10 -1.50 30.61
CA ARG C 282 -0.95 -2.54 31.14
C ARG C 282 -1.40 -2.19 32.56
N LEU C 283 -0.47 -1.64 33.34
CA LEU C 283 -0.72 -1.26 34.71
N THR D 5 47.10 49.19 -5.90
CA THR D 5 48.42 48.70 -6.30
C THR D 5 48.36 47.24 -6.73
N ASN D 6 47.93 46.36 -5.83
CA ASN D 6 47.79 44.94 -6.11
C ASN D 6 46.43 44.59 -6.70
N ASP D 7 45.48 45.54 -6.74
CA ASP D 7 44.13 45.28 -7.18
C ASP D 7 43.81 45.84 -8.57
N ASN D 8 44.60 46.79 -9.07
CA ASN D 8 44.39 47.28 -10.42
C ASN D 8 44.88 46.29 -11.47
N TYR D 9 45.64 45.27 -11.07
CA TYR D 9 46.01 44.21 -12.01
C TYR D 9 44.83 43.29 -12.29
N ILE D 10 44.16 42.80 -11.25
CA ILE D 10 42.94 42.03 -11.42
C ILE D 10 41.82 42.86 -12.02
N GLU D 11 41.98 44.18 -12.06
CA GLU D 11 41.04 45.05 -12.74
C GLU D 11 41.29 45.09 -14.25
N GLU D 12 42.50 44.72 -14.69
CA GLU D 12 42.77 44.68 -16.12
C GLU D 12 42.21 43.44 -16.78
N VAL D 13 42.34 42.28 -16.12
CA VAL D 13 41.86 41.04 -16.70
C VAL D 13 40.34 41.03 -16.78
N THR D 14 39.66 41.56 -15.75
CA THR D 14 38.21 41.69 -15.82
C THR D 14 37.79 42.73 -16.86
N ALA D 15 38.66 43.68 -17.18
CA ALA D 15 38.41 44.59 -18.29
C ALA D 15 38.67 43.93 -19.65
N LYS D 16 39.39 42.80 -19.67
CA LYS D 16 39.60 42.07 -20.90
C LYS D 16 38.42 41.14 -21.19
N VAL D 17 37.93 40.42 -20.19
CA VAL D 17 36.77 39.56 -20.38
C VAL D 17 35.57 40.38 -20.80
N LEU D 18 35.38 41.54 -20.19
CA LEU D 18 34.35 42.48 -20.64
C LEU D 18 34.81 43.16 -21.92
N THR D 19 33.82 43.54 -22.75
CA THR D 19 34.07 44.14 -24.05
C THR D 19 34.96 43.25 -24.92
N SER D 20 34.70 41.95 -24.90
CA SER D 20 35.41 40.99 -25.74
C SER D 20 34.50 40.14 -26.60
N GLY D 21 33.19 40.41 -26.60
CA GLY D 21 32.25 39.63 -27.40
C GLY D 21 31.75 38.35 -26.78
N LYS D 22 32.65 37.55 -26.22
CA LYS D 22 32.27 36.26 -25.65
C LYS D 22 31.55 36.41 -24.32
N TYR D 23 31.93 37.40 -23.52
CA TYR D 23 31.30 37.65 -22.23
C TYR D 23 31.09 39.15 -21.98
N SER D 24 30.90 39.92 -23.04
CA SER D 24 30.78 41.37 -22.93
C SER D 24 29.44 41.82 -22.37
N THR D 25 28.48 40.92 -22.19
CA THR D 25 27.17 41.26 -21.68
C THR D 25 26.98 40.88 -20.22
N LEU D 26 28.06 40.53 -19.52
CA LEU D 26 27.97 40.10 -18.14
C LEU D 26 28.03 41.29 -17.19
N TYR D 27 27.39 41.13 -16.04
CA TYR D 27 27.45 42.12 -14.97
C TYR D 27 28.89 42.27 -14.51
N PRO D 28 29.49 43.46 -14.61
CA PRO D 28 30.94 43.61 -14.37
C PRO D 28 31.36 43.13 -12.99
N PRO D 29 30.58 43.35 -11.91
CA PRO D 29 30.99 42.79 -10.62
C PRO D 29 31.07 41.28 -10.60
N THR D 30 30.38 40.57 -11.50
CA THR D 30 30.50 39.12 -11.53
C THR D 30 31.90 38.69 -11.94
N VAL D 31 32.35 39.14 -13.12
CA VAL D 31 33.68 38.78 -13.60
C VAL D 31 34.75 39.34 -12.67
N ARG D 32 34.49 40.48 -12.04
CA ARG D 32 35.44 41.03 -11.07
CA ARG D 32 35.43 41.03 -11.06
C ARG D 32 35.56 40.11 -9.85
N ARG D 33 34.41 39.66 -9.32
CA ARG D 33 34.42 38.78 -8.16
C ARG D 33 34.99 37.41 -8.51
N VAL D 34 34.83 36.96 -9.76
CA VAL D 34 35.40 35.69 -10.18
C VAL D 34 36.91 35.77 -10.22
N THR D 35 37.45 36.84 -10.82
CA THR D 35 38.90 37.00 -10.89
C THR D 35 39.52 37.16 -9.51
N GLU D 36 38.81 37.80 -8.58
CA GLU D 36 39.34 37.98 -7.23
C GLU D 36 39.62 36.65 -6.56
N ARG D 37 38.67 35.72 -6.62
CA ARG D 37 38.88 34.40 -6.01
C ARG D 37 39.90 33.59 -6.78
N LEU D 38 39.86 33.66 -8.12
CA LEU D 38 40.76 32.90 -8.97
C LEU D 38 42.15 33.50 -9.07
N PHE D 39 42.35 34.73 -8.58
CA PHE D 39 43.65 35.39 -8.71
C PHE D 39 44.74 34.68 -7.92
N ASP D 40 44.43 34.30 -6.68
CA ASP D 40 45.48 33.80 -5.80
C ASP D 40 45.90 32.38 -6.17
N ARG D 41 44.95 31.54 -6.58
CA ARG D 41 45.25 30.12 -6.76
C ARG D 41 45.86 29.82 -8.13
N TYR D 42 45.66 30.67 -9.12
CA TYR D 42 46.13 30.35 -10.45
C TYR D 42 47.25 31.29 -10.88
N PRO D 43 48.19 30.79 -11.70
CA PRO D 43 49.28 31.66 -12.16
C PRO D 43 48.74 32.82 -12.96
N PRO D 44 49.44 33.96 -12.96
CA PRO D 44 48.94 35.15 -13.66
C PRO D 44 48.95 35.03 -15.18
N LYS D 45 49.39 33.89 -15.73
CA LYS D 45 49.32 33.65 -17.16
C LYS D 45 48.04 32.94 -17.56
N GLN D 46 47.74 31.81 -16.90
CA GLN D 46 46.50 31.10 -17.15
C GLN D 46 45.28 31.86 -16.66
N LEU D 47 45.48 32.87 -15.81
CA LEU D 47 44.36 33.53 -15.15
C LEU D 47 43.37 34.11 -16.16
N GLU D 48 43.87 34.76 -17.21
CA GLU D 48 42.99 35.32 -18.23
C GLU D 48 42.17 34.22 -18.90
N LYS D 49 42.80 33.07 -19.17
CA LYS D 49 42.10 31.96 -19.80
C LYS D 49 41.24 31.20 -18.80
N GLU D 50 41.77 30.94 -17.60
CA GLU D 50 41.05 30.14 -16.61
C GLU D 50 39.87 30.88 -16.00
N VAL D 51 39.77 32.19 -16.18
CA VAL D 51 38.55 32.89 -15.78
C VAL D 51 37.43 32.63 -16.78
N ARG D 52 37.77 32.62 -18.08
CA ARG D 52 36.79 32.27 -19.10
C ARG D 52 36.28 30.85 -18.92
N LYS D 53 37.12 29.95 -18.40
CA LYS D 53 36.68 28.59 -18.15
C LYS D 53 35.70 28.52 -16.99
N LYS D 54 36.05 29.13 -15.86
CA LYS D 54 35.13 29.17 -14.72
C LYS D 54 33.84 29.90 -15.08
N LEU D 55 33.91 30.86 -15.98
CA LEU D 55 32.70 31.48 -16.52
C LEU D 55 31.90 30.53 -17.39
N HIS D 56 32.51 29.44 -17.84
CA HIS D 56 31.84 28.45 -18.67
C HIS D 56 31.37 27.23 -17.89
N GLN D 57 31.78 27.09 -16.62
CA GLN D 57 31.38 25.96 -15.78
C GLN D 57 30.08 26.28 -15.06
N ALA D 58 30.14 27.23 -14.11
CA ALA D 58 28.96 27.60 -13.35
C ALA D 58 28.02 28.46 -14.20
N TYR D 59 28.47 29.64 -14.60
CA TYR D 59 27.69 30.51 -15.47
C TYR D 59 27.90 30.08 -16.92
N GLY D 60 27.65 30.98 -17.87
CA GLY D 60 27.95 30.70 -19.26
C GLY D 60 26.81 30.03 -19.99
N ALA D 61 26.03 29.23 -19.28
CA ALA D 61 24.87 28.55 -19.86
C ALA D 61 23.69 29.48 -20.09
N TYR D 62 23.86 30.78 -19.88
CA TYR D 62 22.78 31.75 -20.02
C TYR D 62 23.33 32.98 -20.74
N ILE D 63 22.96 33.14 -22.00
CA ILE D 63 23.42 34.28 -22.79
C ILE D 63 22.24 34.92 -23.51
N ASP D 67 23.28 36.75 -27.16
CA ASP D 67 22.77 38.01 -27.69
C ASP D 67 21.39 38.33 -27.10
N GLY D 68 21.07 39.62 -27.05
CA GLY D 68 19.81 40.05 -26.45
C GLY D 68 18.68 40.17 -27.45
N LYS D 69 18.92 40.88 -28.55
CA LYS D 69 17.91 41.01 -29.60
C LYS D 69 17.55 39.68 -30.22
N ARG D 70 18.43 38.67 -30.08
CA ARG D 70 18.13 37.34 -30.60
C ARG D 70 16.91 36.75 -29.91
N LEU D 71 16.93 36.72 -28.57
CA LEU D 71 15.81 36.20 -27.79
C LEU D 71 14.68 37.22 -27.63
N GLU D 72 14.79 38.40 -28.25
CA GLU D 72 13.75 39.41 -28.17
C GLU D 72 12.74 39.29 -29.31
N LYS D 73 13.21 38.98 -30.52
CA LYS D 73 12.29 38.82 -31.64
C LYS D 73 11.37 37.62 -31.46
N LYS D 74 11.80 36.61 -30.68
CA LYS D 74 10.93 35.49 -30.37
C LYS D 74 9.79 35.90 -29.46
N ILE D 75 10.00 36.91 -28.63
CA ILE D 75 8.94 37.44 -27.79
C ILE D 75 8.10 38.48 -28.54
N GLU D 76 8.73 39.28 -29.40
CA GLU D 76 8.00 40.23 -30.21
C GLU D 76 7.05 39.55 -31.19
N LYS D 77 7.31 38.28 -31.51
CA LYS D 77 6.42 37.53 -32.39
C LYS D 77 5.12 37.13 -31.71
N ILE D 78 5.10 37.08 -30.37
CA ILE D 78 3.95 36.56 -29.63
C ILE D 78 2.99 37.70 -29.30
N ILE D 79 2.39 38.29 -30.33
CA ILE D 79 1.35 39.30 -30.16
C ILE D 79 0.27 39.13 -31.22
N GLU D 89 -10.82 43.28 -18.58
CA GLU D 89 -11.01 42.42 -17.41
C GLU D 89 -10.83 40.95 -17.78
N ALA D 90 -11.91 40.30 -18.21
CA ALA D 90 -11.84 38.88 -18.54
C ALA D 90 -10.98 38.65 -19.78
N THR D 91 -11.40 39.19 -20.92
CA THR D 91 -10.63 39.02 -22.16
C THR D 91 -9.27 39.70 -22.07
N ARG D 92 -9.18 40.82 -21.35
CA ARG D 92 -7.91 41.54 -21.26
C ARG D 92 -6.86 40.72 -20.51
N THR D 93 -7.25 40.08 -19.42
CA THR D 93 -6.28 39.29 -18.65
C THR D 93 -5.89 38.02 -19.37
N GLU D 94 -6.86 37.29 -19.93
CA GLU D 94 -6.54 36.09 -20.67
C GLU D 94 -5.79 36.39 -21.96
N TRP D 95 -5.84 37.64 -22.44
CA TRP D 95 -5.00 38.04 -23.56
C TRP D 95 -3.55 38.07 -23.16
N GLU D 96 -3.25 38.48 -21.93
CA GLU D 96 -1.88 38.48 -21.43
C GLU D 96 -1.54 37.21 -20.65
N LYS D 97 -2.52 36.59 -19.99
CA LYS D 97 -2.23 35.33 -19.28
C LYS D 97 -1.80 34.23 -20.23
N GLU D 98 -2.31 34.24 -21.47
CA GLU D 98 -1.91 33.24 -22.44
C GLU D 98 -0.52 33.51 -22.99
N ILE D 99 -0.29 34.72 -23.51
CA ILE D 99 1.01 35.02 -24.13
C ILE D 99 2.14 34.98 -23.10
N CYS D 100 1.82 35.26 -21.83
CA CYS D 100 2.84 35.11 -20.79
C CYS D 100 3.22 33.64 -20.60
N LEU D 101 2.21 32.76 -20.57
CA LEU D 101 2.50 31.33 -20.46
C LEU D 101 3.19 30.80 -21.71
N LYS D 102 2.98 31.45 -22.86
CA LYS D 102 3.63 31.02 -24.08
C LYS D 102 5.13 31.31 -24.03
N ILE D 103 5.50 32.52 -23.61
CA ILE D 103 6.91 32.91 -23.57
C ILE D 103 7.62 32.35 -22.35
N LEU D 104 6.90 32.04 -21.27
CA LEU D 104 7.51 31.39 -20.13
C LEU D 104 8.03 29.99 -20.46
N ASN D 105 7.57 29.41 -21.57
CA ASN D 105 8.04 28.12 -22.03
C ASN D 105 9.26 28.20 -22.92
N LEU D 106 9.79 29.40 -23.17
CA LEU D 106 10.98 29.57 -23.98
C LEU D 106 12.18 28.93 -23.32
N HIS D 107 12.73 29.57 -22.29
CA HIS D 107 13.82 28.98 -21.53
C HIS D 107 13.31 27.80 -20.71
N THR D 108 14.10 26.72 -20.69
CA THR D 108 13.68 25.48 -20.04
C THR D 108 13.57 25.60 -18.53
N SER D 109 14.10 26.66 -17.93
CA SER D 109 14.01 26.81 -16.48
C SER D 109 12.57 27.00 -16.03
N THR D 110 11.91 28.04 -16.53
CA THR D 110 10.52 28.30 -16.21
C THR D 110 9.56 27.56 -17.14
N ASN D 111 10.07 26.77 -18.08
CA ASN D 111 9.21 25.93 -18.90
C ASN D 111 8.50 24.88 -18.05
N GLU D 112 9.18 24.37 -17.03
CA GLU D 112 8.58 23.38 -16.14
C GLU D 112 7.53 24.02 -15.24
N ARG D 113 7.82 25.20 -14.71
CA ARG D 113 6.94 25.89 -13.78
C ARG D 113 5.65 26.39 -14.43
N THR D 114 5.49 26.23 -15.74
CA THR D 114 4.27 26.66 -16.41
C THR D 114 3.03 26.05 -15.77
N VAL D 115 3.08 24.76 -15.46
CA VAL D 115 2.03 24.13 -14.67
C VAL D 115 2.16 24.63 -13.24
N ALA D 116 1.02 24.90 -12.60
CA ALA D 116 0.87 25.46 -11.26
C ALA D 116 1.33 26.91 -11.17
N TYR D 117 1.75 27.52 -12.28
CA TYR D 117 2.01 28.97 -12.28
C TYR D 117 0.74 29.74 -11.93
N ASP D 118 -0.43 29.20 -12.29
CA ASP D 118 -1.69 29.87 -11.99
C ASP D 118 -1.99 29.86 -10.50
N GLU D 119 -1.50 28.87 -9.77
CA GLU D 119 -1.82 28.69 -8.36
C GLU D 119 -0.64 28.87 -7.42
N LEU D 120 0.59 28.94 -7.93
CA LEU D 120 1.76 28.98 -7.06
C LEU D 120 1.73 30.20 -6.14
N TYR D 121 1.63 31.39 -6.72
CA TYR D 121 1.69 32.61 -5.91
C TYR D 121 0.54 32.70 -4.92
N GLN D 122 -0.56 32.00 -5.19
CA GLN D 122 -1.63 31.90 -4.20
C GLN D 122 -1.21 30.97 -3.05
N LYS D 123 -0.46 29.92 -3.37
CA LYS D 123 -0.04 28.96 -2.35
C LYS D 123 0.89 29.61 -1.33
N ILE D 124 1.99 30.19 -1.80
CA ILE D 124 3.00 30.73 -0.89
C ILE D 124 2.55 32.04 -0.26
N PHE D 125 1.58 32.73 -0.83
CA PHE D 125 1.03 33.91 -0.16
C PHE D 125 0.12 33.53 0.99
N GLU D 126 -0.51 32.35 0.93
CA GLU D 126 -1.29 31.87 2.06
C GLU D 126 -0.43 31.55 3.27
N VAL D 127 0.89 31.45 3.10
CA VAL D 127 1.79 31.13 4.20
C VAL D 127 2.56 32.36 4.67
N THR D 128 3.03 33.18 3.74
CA THR D 128 3.82 34.35 4.07
C THR D 128 2.99 35.64 4.10
N GLY D 129 1.75 35.60 3.65
CA GLY D 129 0.97 36.80 3.46
C GLY D 129 1.31 37.50 2.15
N VAL D 130 0.41 38.37 1.72
CA VAL D 130 0.63 39.16 0.51
C VAL D 130 1.61 40.27 0.83
N PRO D 131 2.79 40.29 0.23
CA PRO D 131 3.78 41.33 0.53
C PRO D 131 3.66 42.52 -0.42
N THR D 132 4.44 43.56 -0.10
CA THR D 132 4.47 44.78 -0.89
C THR D 132 5.65 44.83 -1.86
N SER D 133 6.62 43.93 -1.73
CA SER D 133 7.77 43.93 -2.62
C SER D 133 8.24 42.50 -2.83
N ILE D 134 8.64 42.19 -4.06
CA ILE D 134 9.17 40.88 -4.42
C ILE D 134 10.55 41.07 -5.03
N THR D 135 11.50 40.23 -4.63
CA THR D 135 12.83 40.23 -5.20
C THR D 135 13.14 38.82 -5.70
N ASP D 136 13.42 38.71 -7.00
CA ASP D 136 13.67 37.43 -7.65
C ASP D 136 15.12 37.41 -8.13
N ALA D 137 15.97 36.71 -7.37
CA ALA D 137 17.38 36.57 -7.73
C ALA D 137 17.51 35.55 -8.87
N GLY D 138 18.21 35.95 -9.93
CA GLY D 138 18.29 35.13 -11.12
C GLY D 138 16.91 34.89 -11.69
N CYS D 139 16.18 35.98 -11.94
CA CYS D 139 14.77 35.87 -12.30
C CYS D 139 14.57 35.17 -13.63
N ALA D 140 15.48 35.39 -14.58
CA ALA D 140 15.37 34.84 -15.94
C ALA D 140 14.06 35.36 -16.54
N LEU D 141 13.18 34.50 -17.04
CA LEU D 141 11.92 34.93 -17.62
C LEU D 141 10.76 34.89 -16.62
N ASN D 142 11.04 34.56 -15.36
CA ASN D 142 9.98 34.56 -14.34
C ASN D 142 9.24 35.90 -14.23
N PRO D 143 9.85 37.10 -14.49
CA PRO D 143 9.06 38.34 -14.44
C PRO D 143 7.83 38.35 -15.34
N PHE D 144 7.83 37.54 -16.39
CA PHE D 144 6.68 37.40 -17.27
C PHE D 144 5.56 36.54 -16.68
N SER D 145 5.40 36.57 -15.36
CA SER D 145 4.26 35.95 -14.69
C SER D 145 3.45 36.97 -13.91
N PHE D 146 3.54 38.25 -14.28
CA PHE D 146 2.87 39.33 -13.57
C PHE D 146 1.35 39.24 -13.63
N PRO D 147 0.75 38.50 -14.58
CA PRO D 147 -0.63 38.06 -14.36
C PRO D 147 -0.81 37.37 -13.02
N PHE D 148 -0.02 36.33 -12.76
CA PHE D 148 -0.12 35.56 -11.53
C PHE D 148 0.50 36.29 -10.33
N PHE D 149 1.41 37.23 -10.57
CA PHE D 149 1.88 38.10 -9.48
C PHE D 149 0.70 38.85 -8.87
N THR D 150 0.05 39.69 -9.70
CA THR D 150 -1.03 40.55 -9.22
C THR D 150 -2.31 39.78 -8.93
N GLU D 151 -2.49 38.61 -9.55
CA GLU D 151 -3.71 37.84 -9.30
C GLU D 151 -3.84 37.45 -7.84
N ALA D 152 -2.75 36.98 -7.24
CA ALA D 152 -2.78 36.57 -5.84
C ALA D 152 -2.75 37.76 -4.89
N GLY D 153 -2.36 38.94 -5.36
CA GLY D 153 -2.43 40.13 -4.52
C GLY D 153 -1.20 41.01 -4.52
N MET D 154 -0.19 40.64 -5.31
CA MET D 154 1.05 41.43 -5.36
C MET D 154 0.81 42.67 -6.21
N LEU D 155 0.62 43.81 -5.55
CA LEU D 155 0.38 45.08 -6.24
C LEU D 155 1.54 46.06 -6.08
N GLY D 156 2.56 45.72 -5.30
CA GLY D 156 3.70 46.61 -5.13
C GLY D 156 4.65 46.60 -6.31
N GLN D 157 5.95 46.62 -6.05
CA GLN D 157 6.96 46.57 -7.10
C GLN D 157 7.76 45.27 -6.97
N TYR D 158 8.15 44.73 -8.12
CA TYR D 158 8.84 43.45 -8.21
C TYR D 158 10.22 43.68 -8.82
N ILE D 159 11.26 43.30 -8.10
CA ILE D 159 12.64 43.57 -8.49
C ILE D 159 13.28 42.23 -8.86
N GLY D 160 13.36 41.96 -10.16
CA GLY D 160 14.02 40.76 -10.67
C GLY D 160 15.28 41.12 -11.43
N PHE D 161 16.37 40.45 -11.09
CA PHE D 161 17.66 40.72 -11.70
C PHE D 161 18.35 39.41 -12.07
N ASP D 162 19.07 39.42 -13.20
CA ASP D 162 19.85 38.28 -13.63
C ASP D 162 21.24 38.79 -14.02
N LEU D 163 21.94 38.02 -14.84
CA LEU D 163 23.33 38.32 -15.18
C LEU D 163 23.50 38.93 -16.56
N ASP D 164 22.92 38.31 -17.59
CA ASP D 164 23.13 38.77 -18.95
C ASP D 164 22.36 40.06 -19.20
N LYS D 165 23.07 41.10 -19.65
CA LYS D 165 22.40 42.36 -19.96
C LYS D 165 21.51 42.24 -21.20
N GLY D 166 21.90 41.39 -22.15
CA GLY D 166 21.07 41.21 -23.33
C GLY D 166 19.70 40.67 -23.00
N MET D 167 19.62 39.76 -22.03
CA MET D 167 18.32 39.25 -21.61
C MET D 167 17.52 40.34 -20.90
N ILE D 168 18.15 41.06 -19.97
CA ILE D 168 17.46 42.11 -19.22
C ILE D 168 17.01 43.21 -20.18
N GLU D 169 17.83 43.54 -21.18
CA GLU D 169 17.40 44.48 -22.21
C GLU D 169 16.18 43.95 -22.95
N ALA D 170 16.18 42.64 -23.26
CA ALA D 170 15.04 42.05 -23.95
C ALA D 170 13.83 41.91 -23.04
N ILE D 171 14.05 41.68 -21.74
CA ILE D 171 12.93 41.54 -20.81
C ILE D 171 12.21 42.86 -20.65
N GLU D 172 12.96 43.94 -20.37
CA GLU D 172 12.32 45.23 -20.14
C GLU D 172 11.72 45.79 -21.42
N HIS D 173 12.34 45.51 -22.58
CA HIS D 173 11.75 45.95 -23.84
C HIS D 173 10.50 45.16 -24.18
N SER D 174 10.40 43.92 -23.68
CA SER D 174 9.18 43.14 -23.82
C SER D 174 8.21 43.35 -22.67
N LEU D 175 8.70 43.79 -21.50
CA LEU D 175 7.81 44.16 -20.41
C LEU D 175 7.06 45.46 -20.72
N ARG D 176 7.72 46.40 -21.41
CA ARG D 176 7.08 47.68 -21.69
C ARG D 176 6.03 47.57 -22.78
N THR D 177 6.22 46.66 -23.73
CA THR D 177 5.28 46.50 -24.83
C THR D 177 4.08 45.63 -24.46
N LEU D 178 3.97 45.21 -23.19
CA LEU D 178 2.81 44.50 -22.70
C LEU D 178 1.99 45.35 -21.74
N ASN D 179 2.34 46.62 -21.57
CA ASN D 179 1.70 47.50 -20.58
C ASN D 179 1.70 46.87 -19.20
N ALA D 180 2.82 46.24 -18.85
CA ALA D 180 2.97 45.68 -17.52
C ALA D 180 2.87 46.79 -16.47
N PRO D 181 2.30 46.50 -15.31
CA PRO D 181 2.09 47.55 -14.30
C PRO D 181 3.40 48.18 -13.88
N GLU D 182 3.43 49.51 -13.90
CA GLU D 182 4.62 50.24 -13.46
C GLU D 182 4.93 49.89 -12.02
N GLY D 183 6.20 49.59 -11.75
CA GLY D 183 6.61 49.08 -10.46
C GLY D 183 7.46 47.85 -10.62
N ILE D 184 6.94 46.84 -11.34
CA ILE D 184 7.74 45.67 -11.65
C ILE D 184 8.84 46.07 -12.62
N VAL D 185 10.08 45.94 -12.18
CA VAL D 185 11.23 46.41 -12.95
C VAL D 185 12.30 45.33 -12.94
N VAL D 186 13.06 45.27 -14.03
CA VAL D 186 14.11 44.28 -14.19
C VAL D 186 15.44 45.01 -14.39
N LYS D 187 16.46 44.57 -13.66
CA LYS D 187 17.82 45.07 -13.82
C LYS D 187 18.76 43.89 -13.98
N GLN D 188 20.06 44.13 -13.99
CA GLN D 188 21.05 43.06 -13.97
C GLN D 188 21.86 43.17 -12.68
N GLY D 189 22.06 42.04 -12.02
CA GLY D 189 22.77 42.05 -10.76
C GLY D 189 23.27 40.67 -10.40
N ASP D 190 24.10 40.63 -9.36
CA ASP D 190 24.69 39.39 -8.87
C ASP D 190 24.40 39.29 -7.38
N ILE D 191 23.68 38.24 -6.97
CA ILE D 191 23.32 38.06 -5.57
C ILE D 191 24.55 37.92 -4.69
N LEU D 192 25.67 37.46 -5.26
CA LEU D 192 26.92 37.31 -4.53
C LEU D 192 27.71 38.62 -4.50
N SER D 193 27.87 39.27 -5.66
CA SER D 193 28.71 40.46 -5.74
C SER D 193 28.03 41.68 -5.14
N ASP D 194 26.73 41.86 -5.41
CA ASP D 194 26.03 43.01 -4.87
C ASP D 194 25.89 42.89 -3.35
N PRO D 195 25.85 44.02 -2.65
CA PRO D 195 25.69 43.98 -1.19
C PRO D 195 24.35 43.39 -0.80
N SER D 196 24.24 42.99 0.47
CA SER D 196 23.02 42.40 0.98
C SER D 196 21.87 43.39 0.91
N GLY D 197 20.79 42.98 0.23
CA GLY D 197 19.64 43.84 0.01
C GLY D 197 18.57 43.67 1.06
N GLU D 198 17.41 44.25 0.76
CA GLU D 198 16.26 44.22 1.66
C GLU D 198 15.00 44.09 0.83
N SER D 199 14.10 43.19 1.26
CA SER D 199 12.86 42.95 0.52
C SER D 199 11.82 42.40 1.48
N ASP D 200 10.59 42.30 0.98
CA ASP D 200 9.53 41.65 1.73
C ASP D 200 9.56 40.13 1.52
N LEU D 201 9.67 39.70 0.27
CA LEU D 201 9.74 38.29 -0.08
C LEU D 201 10.87 38.09 -1.08
N LEU D 202 11.79 37.18 -0.76
CA LEU D 202 12.92 36.87 -1.61
C LEU D 202 12.65 35.58 -2.36
N LEU D 203 12.88 35.61 -3.68
CA LEU D 203 12.59 34.47 -4.56
C LEU D 203 13.91 33.93 -5.12
N MET D 204 14.35 32.80 -4.56
CA MET D 204 15.54 32.10 -5.03
C MET D 204 15.08 30.78 -5.64
N PHE D 205 14.59 30.85 -6.88
CA PHE D 205 13.99 29.69 -7.54
C PHE D 205 15.08 28.95 -8.31
N LYS D 206 15.37 27.73 -7.87
CA LYS D 206 16.41 26.88 -8.47
C LYS D 206 17.73 27.63 -8.62
N LEU D 207 18.15 28.28 -7.53
CA LEU D 207 19.35 29.09 -7.54
C LEU D 207 20.28 28.70 -6.39
N TYR D 208 19.71 28.15 -5.32
CA TYR D 208 20.51 27.83 -4.13
C TYR D 208 21.60 26.82 -4.46
N THR D 209 21.30 25.82 -5.29
CA THR D 209 22.30 24.83 -5.65
C THR D 209 23.41 25.47 -6.50
N LEU D 210 23.04 26.38 -7.40
CA LEU D 210 24.04 27.01 -8.26
C LEU D 210 25.00 27.86 -7.46
N LEU D 211 24.52 28.51 -6.40
CA LEU D 211 25.36 29.40 -5.62
C LEU D 211 26.46 28.64 -4.89
N ASP D 212 26.14 27.46 -4.36
CA ASP D 212 27.16 26.66 -3.67
C ASP D 212 28.25 26.21 -4.63
N ARG D 213 27.92 26.02 -5.91
CA ARG D 213 28.94 25.67 -6.88
C ARG D 213 29.84 26.86 -7.21
N GLN D 214 29.26 28.05 -7.30
CA GLN D 214 30.06 29.25 -7.55
C GLN D 214 30.85 29.65 -6.32
N GLU D 215 30.30 29.44 -5.13
CA GLU D 215 30.95 29.88 -3.89
C GLU D 215 30.41 29.01 -2.77
N GLU D 216 31.30 28.30 -2.08
CA GLU D 216 30.88 27.29 -1.12
C GLU D 216 30.13 27.92 0.05
N ALA D 217 28.99 27.32 0.40
CA ALA D 217 28.18 27.75 1.53
C ALA D 217 27.71 29.19 1.39
N SER D 218 27.63 29.68 0.15
CA SER D 218 27.21 31.06 -0.08
C SER D 218 25.70 31.23 0.03
N GLY D 219 24.93 30.21 -0.36
CA GLY D 219 23.49 30.30 -0.23
C GLY D 219 23.04 30.47 1.21
N LEU D 220 23.67 29.72 2.12
CA LEU D 220 23.40 29.92 3.54
C LEU D 220 23.85 31.29 4.01
N LYS D 221 24.99 31.77 3.49
CA LYS D 221 25.46 33.10 3.87
C LYS D 221 24.56 34.20 3.34
N ILE D 222 23.90 33.97 2.20
CA ILE D 222 23.03 34.99 1.62
C ILE D 222 21.75 35.10 2.43
N LEU D 223 21.12 33.97 2.74
CA LEU D 223 19.87 34.00 3.49
C LEU D 223 20.03 34.57 4.89
N GLN D 224 21.25 34.56 5.44
CA GLN D 224 21.46 35.15 6.75
C GLN D 224 21.75 36.65 6.65
N GLU D 225 22.50 37.06 5.61
CA GLU D 225 22.89 38.46 5.47
C GLU D 225 21.76 39.34 4.98
N TRP D 226 20.90 38.82 4.10
CA TRP D 226 19.82 39.61 3.55
C TRP D 226 18.75 39.88 4.61
N LYS D 227 17.92 40.89 4.33
CA LYS D 227 16.80 41.26 5.18
C LYS D 227 15.51 40.96 4.42
N TYR D 228 14.66 40.12 4.99
CA TYR D 228 13.41 39.75 4.34
C TYR D 228 12.43 39.21 5.38
N LYS D 229 11.15 39.48 5.15
CA LYS D 229 10.11 38.87 5.96
C LYS D 229 10.10 37.36 5.76
N ASN D 230 10.01 36.91 4.52
CA ASN D 230 10.11 35.50 4.18
C ASN D 230 10.94 35.36 2.92
N ALA D 231 11.39 34.13 2.66
CA ALA D 231 12.16 33.83 1.46
C ALA D 231 11.85 32.40 1.03
N VAL D 232 11.40 32.24 -0.21
CA VAL D 232 11.09 30.93 -0.76
C VAL D 232 12.30 30.46 -1.56
N ILE D 233 12.84 29.30 -1.20
CA ILE D 233 14.03 28.74 -1.83
C ILE D 233 13.60 27.46 -2.54
N SER D 234 13.63 27.49 -3.87
CA SER D 234 13.17 26.36 -4.66
C SER D 234 14.27 25.31 -4.82
N PHE D 235 13.84 24.09 -5.14
CA PHE D 235 14.72 22.95 -5.39
C PHE D 235 14.04 22.03 -6.38
N PRO D 236 14.79 21.43 -7.30
CA PRO D 236 14.19 20.41 -8.19
C PRO D 236 14.23 19.02 -7.57
N ILE D 237 13.10 18.31 -7.59
CA ILE D 237 13.03 16.95 -7.07
C ILE D 237 13.21 16.00 -8.24
N LYS D 238 14.15 15.05 -8.09
CA LYS D 238 14.48 14.12 -9.17
C LYS D 238 15.20 12.92 -8.56
N THR D 239 14.68 11.73 -8.81
CA THR D 239 15.32 10.50 -8.33
C THR D 239 14.92 9.32 -9.20
N VAL D 245 17.95 4.07 0.63
CA VAL D 245 16.69 3.47 0.19
C VAL D 245 15.55 3.94 1.08
N GLY D 246 15.91 4.42 2.26
CA GLY D 246 14.97 5.09 3.15
C GLY D 246 15.42 6.52 3.37
N MET D 247 16.61 6.83 2.86
CA MET D 247 17.15 8.18 2.93
C MET D 247 16.32 9.14 2.10
N GLU D 248 16.29 10.41 2.52
CA GLU D 248 15.53 11.42 1.82
C GLU D 248 16.32 11.94 0.62
N GLU D 249 15.76 12.93 -0.07
CA GLU D 249 16.36 13.46 -1.29
C GLU D 249 17.73 14.05 -1.01
N ASN D 250 18.62 13.95 -2.01
CA ASN D 250 20.00 14.38 -1.83
C ASN D 250 20.10 15.88 -1.58
N TYR D 251 19.41 16.68 -2.41
CA TYR D 251 19.50 18.13 -2.29
C TYR D 251 18.55 18.70 -1.25
N THR D 252 17.51 17.95 -0.86
CA THR D 252 16.60 18.43 0.17
C THR D 252 17.26 18.36 1.55
N VAL D 253 17.94 17.26 1.86
CA VAL D 253 18.55 17.11 3.17
C VAL D 253 19.72 18.06 3.36
N LYS D 254 20.42 18.41 2.27
CA LYS D 254 21.56 19.31 2.39
C LYS D 254 21.13 20.72 2.78
N PHE D 255 20.04 21.21 2.17
CA PHE D 255 19.56 22.55 2.51
C PHE D 255 19.01 22.60 3.93
N GLU D 256 18.33 21.53 4.37
CA GLU D 256 17.81 21.49 5.73
C GLU D 256 18.94 21.50 6.75
N ASN D 257 19.97 20.69 6.53
CA ASN D 257 21.08 20.60 7.45
C ASN D 257 21.93 21.86 7.48
N ASP D 258 21.88 22.68 6.43
CA ASP D 258 22.74 23.86 6.38
C ASP D 258 22.31 24.92 7.38
N LEU D 259 21.00 25.06 7.63
CA LEU D 259 20.49 26.13 8.47
C LEU D 259 19.98 25.62 9.82
N VAL D 260 20.53 24.51 10.31
CA VAL D 260 20.08 23.99 11.61
C VAL D 260 20.62 24.86 12.74
N GLY D 261 21.82 25.41 12.58
CA GLY D 261 22.44 26.23 13.60
C GLY D 261 22.24 27.73 13.41
N SER D 262 21.38 28.14 12.50
CA SER D 262 21.13 29.54 12.21
C SER D 262 19.86 30.00 12.92
N ASP D 263 19.66 31.32 12.90
CA ASP D 263 18.40 31.89 13.38
C ASP D 263 17.26 31.65 12.39
N LEU D 264 17.56 31.07 11.23
CA LEU D 264 16.54 30.79 10.23
C LEU D 264 15.78 29.52 10.58
N ARG D 265 14.46 29.59 10.51
CA ARG D 265 13.60 28.44 10.73
C ARG D 265 12.67 28.29 9.53
N ILE D 266 12.70 27.11 8.92
CA ILE D 266 11.83 26.86 7.78
C ILE D 266 10.39 26.75 8.27
N MET D 267 9.53 27.64 7.76
CA MET D 267 8.17 27.71 8.26
C MET D 267 7.25 26.69 7.59
N GLN D 268 7.52 26.33 6.35
CA GLN D 268 6.69 25.36 5.63
C GLN D 268 7.41 24.91 4.36
N LYS D 269 7.12 23.68 3.95
CA LYS D 269 7.59 23.16 2.68
C LYS D 269 6.49 23.37 1.63
N LEU D 270 6.66 22.75 0.45
CA LEU D 270 5.69 22.82 -0.63
C LEU D 270 6.17 21.90 -1.74
N LYS D 271 5.24 21.52 -2.62
CA LYS D 271 5.57 20.68 -3.77
C LYS D 271 4.56 20.95 -4.87
N LEU D 272 5.01 21.58 -5.96
CA LEU D 272 4.20 21.80 -7.15
C LEU D 272 4.98 21.27 -8.35
N GLY D 273 4.51 20.16 -8.92
CA GLY D 273 5.21 19.58 -10.05
C GLY D 273 6.53 18.97 -9.62
N ASN D 274 7.55 19.15 -10.46
CA ASN D 274 8.89 18.65 -10.19
C ASN D 274 9.74 19.64 -9.41
N GLU D 275 9.14 20.40 -8.50
CA GLU D 275 9.86 21.42 -7.75
C GLU D 275 9.33 21.48 -6.32
N MET D 276 10.24 21.48 -5.36
CA MET D 276 9.90 21.61 -3.95
C MET D 276 10.35 22.98 -3.46
N TYR D 277 9.44 23.69 -2.79
CA TYR D 277 9.67 25.07 -2.39
C TYR D 277 9.78 25.16 -0.87
N PHE D 278 10.85 25.82 -0.41
CA PHE D 278 11.13 26.00 1.00
C PHE D 278 10.99 27.47 1.35
N ILE D 279 9.95 27.83 2.08
CA ILE D 279 9.83 29.18 2.61
C ILE D 279 10.46 29.21 3.99
N VAL D 280 11.09 30.33 4.33
CA VAL D 280 11.88 30.44 5.55
C VAL D 280 11.76 31.85 6.10
N SER D 281 11.99 31.98 7.39
CA SER D 281 11.98 33.28 8.08
C SER D 281 12.98 33.20 9.22
N ARG D 282 12.81 34.08 10.22
CA ARG D 282 13.68 34.07 11.39
C ARG D 282 13.01 34.78 12.57
N SAH E . -21.83 -26.38 8.06
CA SAH E . -23.22 -26.39 8.59
CB SAH E . -23.32 -25.58 9.90
CG SAH E . -23.15 -24.09 9.68
SD SAH E . -23.17 -23.10 11.20
C SAH E . -24.17 -25.81 7.56
O SAH E . -25.39 -25.88 7.80
OXT SAH E . -23.66 -25.30 6.54
C5' SAH E . -21.51 -23.36 11.87
C4' SAH E . -21.31 -24.65 12.63
O4' SAH E . -19.89 -24.84 12.85
C3' SAH E . -21.95 -24.68 14.03
O3' SAH E . -22.45 -25.98 14.29
C2' SAH E . -20.75 -24.39 14.94
O2' SAH E . -20.92 -24.81 16.27
C1' SAH E . -19.67 -25.16 14.20
N9 SAH E . -18.32 -24.74 14.54
C8 SAH E . -17.93 -23.50 14.97
N7 SAH E . -16.65 -23.41 15.20
C5 SAH E . -16.14 -24.67 14.89
C6 SAH E . -14.84 -25.21 14.94
N6 SAH E . -13.77 -24.52 15.30
N1 SAH E . -14.69 -26.50 14.57
C2 SAH E . -15.78 -27.19 14.19
N3 SAH E . -17.05 -26.79 14.12
C4 SAH E . -17.17 -25.50 14.49
N SAH F . -10.69 -3.02 -18.78
CA SAH F . -9.21 -2.94 -18.69
CB SAH F . -8.53 -4.15 -19.31
CG SAH F . -8.71 -4.24 -20.82
SD SAH F . -7.82 -5.61 -21.61
C SAH F . -8.73 -1.66 -19.39
O SAH F . -7.50 -1.54 -19.56
OXT SAH F . -9.60 -0.83 -19.74
C5' SAH F . -8.79 -7.07 -21.15
C4' SAH F . -8.53 -7.62 -19.77
O4' SAH F . -9.60 -8.55 -19.44
C3' SAH F . -7.23 -8.42 -19.63
O3' SAH F . -6.69 -8.27 -18.33
C2' SAH F . -7.71 -9.86 -19.84
O2' SAH F . -6.86 -10.85 -19.31
C1' SAH F . -9.06 -9.81 -19.13
N9 SAH F . -10.00 -10.82 -19.61
C8 SAH F . -10.00 -11.39 -20.86
N7 SAH F . -10.96 -12.27 -21.03
C5 SAH F . -11.64 -12.26 -19.83
C6 SAH F . -12.78 -12.98 -19.38
N6 SAH F . -13.43 -13.85 -20.13
N1 SAH F . -13.21 -12.74 -18.12
C2 SAH F . -12.54 -11.84 -17.38
N3 SAH F . -11.47 -11.11 -17.69
C4 SAH F . -11.07 -11.37 -18.94
N SAH G . 11.05 3.93 14.54
CA SAH G . 11.93 4.72 13.65
CB SAH G . 12.01 4.12 12.24
CG SAH G . 10.67 3.97 11.55
SD SAH G . 10.73 3.19 9.92
C SAH G . 11.41 6.17 13.58
O SAH G . 12.26 7.08 13.73
OXT SAH G . 10.19 6.34 13.42
C5' SAH G . 10.68 1.42 10.30
C4' SAH G . 11.99 0.80 10.71
O4' SAH G . 11.71 -0.49 11.33
C3' SAH G . 12.96 0.52 9.56
O3' SAH G . 14.30 0.81 9.95
C2' SAH G . 12.81 -1.00 9.35
O2' SAH G . 13.92 -1.63 8.76
C1' SAH G . 12.56 -1.47 10.78
N9 SAH G . 11.85 -2.75 10.85
C8 SAH G . 10.94 -3.22 9.94
N7 SAH G . 10.46 -4.40 10.26
C5 SAH G . 11.09 -4.72 11.46
C6 SAH G . 11.00 -5.84 12.29
N6 SAH G . 10.21 -6.88 12.05
N1 SAH G . 11.78 -5.85 13.40
C2 SAH G . 12.56 -4.80 13.64
N3 SAH G . 12.73 -3.69 12.93
C4 SAH G . 11.96 -3.71 11.83
N SAH H . 14.61 31.51 -10.92
CA SAH H . 14.40 31.18 -12.36
CB SAH H . 15.74 30.89 -13.06
CG SAH H . 16.43 29.66 -12.52
SD SAH H . 17.95 29.19 -13.39
C SAH H . 13.49 29.97 -12.47
O SAH H . 12.99 29.73 -13.60
OXT SAH H . 13.31 29.29 -11.45
C5' SAH H . 19.20 30.25 -12.62
C4' SAH H . 19.24 31.69 -13.10
O4' SAH H . 20.02 32.45 -12.16
C3' SAH H . 19.89 31.89 -14.46
O3' SAH H . 19.22 32.92 -15.18
C2' SAH H . 21.31 32.37 -14.08
O2' SAH H . 21.96 33.12 -15.09
C1' SAH H . 21.01 33.19 -12.84
N9 SAH H . 22.15 33.34 -11.95
C8 SAH H . 23.18 32.44 -11.81
N7 SAH H . 24.08 32.82 -10.94
C5 SAH H . 23.61 34.04 -10.47
C6 SAH H . 24.12 34.95 -9.52
N6 SAH H . 25.25 34.75 -8.85
N1 SAH H . 23.41 36.07 -9.28
C2 SAH H . 22.27 36.25 -9.97
N3 SAH H . 21.69 35.48 -10.88
C4 SAH H . 22.42 34.37 -11.08
#